data_2PIZ
#
_entry.id   2PIZ
#
_cell.length_a   66.793
_cell.length_b   100.885
_cell.length_c   136.064
_cell.angle_alpha   90.00
_cell.angle_beta   90.00
_cell.angle_gamma   90.00
#
_symmetry.space_group_name_H-M   'P 21 21 21'
#
loop_
_entity.id
_entity.type
_entity.pdbx_description
1 polymer 'Carboxypeptidase B'
2 non-polymer 'ZINC ION'
3 non-polymer '(2S)-2-(3-{[AMINO(IMINO)METHYL]AMINO}PHENYL)-3-[(S)-HYDROXY(3-PHENYLPROPYL)PHOSPHORYL]PROPANOIC ACID'
4 water water
#
_entity_poly.entity_id   1
_entity_poly.type   'polypeptide(L)'
_entity_poly.pdbx_seq_one_letter_code
;TTGHSYEKYNNWETIEAWTKQVTSENPDLISRTAIGTTFLGNNIYLLKVGKPGPNKPAIFMDCGFHAREWISHAFCQWFV
REAVLTYGYESHMTEFLNKLDFYVLPVLNIDGYIYTWTKNRMWRKTRSTNAGTTCIGTDPNRNFDAGWCTTGASTDPCDE
TYCGSAAESEKETKALADFIRNNLSSIKAYLTIHSYSQMILYPYSYDYKLPENNAELNNLAKAAVKELATLYGTKYTYGP
GATTIYPAAGGSDDWAYDQGIKYSFTFELRDKGRYGFILPESQIQATCEETMLAIKYVTNYVLGHL
;
_entity_poly.pdbx_strand_id   A,B,C
#
# COMPACT_ATOMS: atom_id res chain seq x y z
N THR A 2 -7.51 30.80 13.80
CA THR A 2 -6.52 31.79 14.20
C THR A 2 -6.96 32.59 15.42
N GLY A 3 -8.24 32.94 15.48
CA GLY A 3 -8.72 33.72 16.60
C GLY A 3 -8.62 32.97 17.91
N HIS A 4 -8.20 33.66 18.96
CA HIS A 4 -8.03 33.04 20.27
C HIS A 4 -9.37 32.86 20.95
N SER A 5 -9.55 31.71 21.61
CA SER A 5 -10.71 31.49 22.48
C SER A 5 -10.25 30.80 23.77
N TYR A 6 -10.83 31.20 24.90
CA TYR A 6 -10.50 30.56 26.17
C TYR A 6 -11.20 29.21 26.37
N GLU A 7 -12.21 28.91 25.54
CA GLU A 7 -12.84 27.59 25.59
C GLU A 7 -12.53 26.73 24.37
N LYS A 8 -11.42 27.02 23.71
CA LYS A 8 -10.88 26.13 22.70
C LYS A 8 -9.39 25.95 22.90
N TYR A 9 -8.83 24.89 22.33
CA TYR A 9 -7.39 24.72 22.32
C TYR A 9 -6.82 25.57 21.18
N ASN A 10 -5.85 26.43 21.51
CA ASN A 10 -5.26 27.36 20.56
C ASN A 10 -3.87 26.92 20.09
N ASN A 11 -3.57 27.09 18.80
CA ASN A 11 -2.26 26.70 18.29
C ASN A 11 -1.21 27.73 18.70
N TRP A 12 0.07 27.45 18.45
CA TRP A 12 1.12 28.28 19.01
C TRP A 12 1.10 29.71 18.45
N GLU A 13 0.86 29.83 17.15
CA GLU A 13 0.78 31.15 16.54
C GLU A 13 -0.26 31.98 17.27
N THR A 14 -1.37 31.33 17.63
CA THR A 14 -2.45 32.03 18.30
C THR A 14 -2.09 32.35 19.75
N ILE A 15 -1.41 31.41 20.42
CA ILE A 15 -1.00 31.64 21.81
C ILE A 15 0.04 32.76 21.86
N GLU A 16 0.98 32.75 20.93
CA GLU A 16 1.97 33.80 20.86
C GLU A 16 1.31 35.17 20.69
N ALA A 17 0.39 35.27 19.73
CA ALA A 17 -0.31 36.53 19.52
C ALA A 17 -1.07 36.95 20.78
N TRP A 18 -1.59 35.97 21.51
CA TRP A 18 -2.31 36.24 22.74
C TRP A 18 -1.43 36.82 23.84
N THR A 19 -0.20 36.31 23.97
CA THR A 19 0.69 36.81 25.02
C THR A 19 0.97 38.30 24.79
N LYS A 20 1.08 38.69 23.53
CA LYS A 20 1.31 40.09 23.20
C LYS A 20 0.05 40.91 23.47
N GLN A 21 -1.11 40.37 23.08
CA GLN A 21 -2.36 41.11 23.20
C GLN A 21 -2.78 41.33 24.66
N VAL A 22 -2.68 40.28 25.47
CA VAL A 22 -3.14 40.35 26.84
C VAL A 22 -2.21 41.26 27.64
N THR A 23 -0.95 41.34 27.21
CA THR A 23 0.02 42.20 27.86
C THR A 23 -0.21 43.66 27.49
N SER A 24 -0.52 43.93 26.23
CA SER A 24 -0.80 45.30 25.80
C SER A 24 -2.11 45.82 26.41
N GLU A 25 -3.04 44.92 26.68
CA GLU A 25 -4.33 45.32 27.23
C GLU A 25 -4.29 45.52 28.74
N ASN A 26 -3.22 45.06 29.38
CA ASN A 26 -3.14 45.05 30.84
C ASN A 26 -1.77 45.44 31.36
N PRO A 27 -1.28 46.63 30.96
CA PRO A 27 0.10 47.07 31.21
C PRO A 27 0.50 47.16 32.69
N ASP A 28 -0.46 47.41 33.56
CA ASP A 28 -0.13 47.57 34.98
C ASP A 28 -0.39 46.27 35.75
N LEU A 29 -0.67 45.21 35.01
CA LEU A 29 -0.97 43.91 35.61
C LEU A 29 -0.11 42.80 35.01
N ILE A 30 0.37 43.00 33.79
CA ILE A 30 1.11 41.96 33.08
C ILE A 30 2.31 42.52 32.34
N SER A 31 3.47 41.89 32.52
CA SER A 31 4.62 42.15 31.64
C SER A 31 5.07 40.83 30.99
N ARG A 32 5.56 40.93 29.77
CA ARG A 32 6.01 39.76 29.04
C ARG A 32 7.50 39.82 28.73
N THR A 33 8.18 38.72 28.99
CA THR A 33 9.55 38.56 28.52
C THR A 33 9.69 37.17 27.91
N ALA A 34 10.86 36.90 27.36
CA ALA A 34 11.20 35.55 26.91
C ALA A 34 12.39 35.06 27.71
N ILE A 35 12.38 33.80 28.10
CA ILE A 35 13.45 33.27 28.95
C ILE A 35 14.40 32.40 28.14
N GLY A 36 14.08 32.22 26.86
CA GLY A 36 14.93 31.42 26.00
C GLY A 36 14.26 31.10 24.69
N THR A 37 14.97 30.36 23.85
CA THR A 37 14.40 29.86 22.61
C THR A 37 14.36 28.34 22.64
N THR A 38 13.45 27.77 21.85
CA THR A 38 13.35 26.33 21.73
C THR A 38 14.37 25.81 20.72
N PHE A 39 14.44 24.50 20.57
CA PHE A 39 15.35 23.90 19.58
C PHE A 39 15.06 24.41 18.17
N LEU A 40 13.78 24.58 17.85
CA LEU A 40 13.40 25.02 16.51
C LEU A 40 13.15 26.52 16.45
N GLY A 41 13.63 27.25 17.45
CA GLY A 41 13.71 28.69 17.35
C GLY A 41 12.48 29.47 17.76
N ASN A 42 11.57 28.83 18.49
CA ASN A 42 10.41 29.54 19.01
C ASN A 42 10.73 30.24 20.34
N ASN A 43 10.01 31.31 20.64
CA ASN A 43 10.30 32.11 21.82
C ASN A 43 9.55 31.62 23.05
N ILE A 44 10.27 31.33 24.12
CA ILE A 44 9.65 30.82 25.34
C ILE A 44 9.18 31.98 26.20
N TYR A 45 7.93 32.38 26.02
CA TYR A 45 7.41 33.56 26.73
C TYR A 45 7.11 33.27 28.19
N LEU A 46 7.39 34.27 29.02
CA LEU A 46 6.98 34.24 30.43
C LEU A 46 6.16 35.48 30.72
N LEU A 47 5.01 35.27 31.36
CA LEU A 47 4.17 36.39 31.78
C LEU A 47 4.34 36.64 33.26
N LYS A 48 4.60 37.88 33.64
CA LYS A 48 4.65 38.24 35.03
C LYS A 48 3.35 38.95 35.38
N VAL A 49 2.53 38.30 36.20
CA VAL A 49 1.18 38.77 36.48
C VAL A 49 1.04 39.25 37.92
N GLY A 50 0.71 40.54 38.09
CA GLY A 50 0.60 41.11 39.42
C GLY A 50 0.82 42.61 39.40
N LYS A 51 0.48 43.29 40.48
CA LYS A 51 0.71 44.74 40.58
C LYS A 51 2.17 44.98 40.96
N PRO A 52 2.93 45.66 40.09
CA PRO A 52 4.36 45.83 40.39
C PRO A 52 4.63 46.53 41.71
N GLY A 53 5.75 46.18 42.32
CA GLY A 53 6.14 46.79 43.58
C GLY A 53 7.52 46.30 43.95
N PRO A 54 8.11 46.83 45.01
CA PRO A 54 9.45 46.44 45.50
C PRO A 54 9.45 45.09 46.22
N ASN A 55 10.50 44.31 45.98
CA ASN A 55 10.77 43.12 46.77
C ASN A 55 9.57 42.18 46.93
N LYS A 56 8.85 41.95 45.84
CA LYS A 56 7.68 41.08 45.91
C LYS A 56 8.09 39.62 45.81
N PRO A 57 7.49 38.77 46.65
CA PRO A 57 7.62 37.31 46.52
C PRO A 57 6.85 36.87 45.29
N ALA A 58 7.08 35.64 44.84
CA ALA A 58 6.47 35.18 43.61
C ALA A 58 6.04 33.72 43.72
N ILE A 59 5.09 33.34 42.88
CA ILE A 59 4.78 31.93 42.64
C ILE A 59 5.02 31.68 41.15
N PHE A 60 5.65 30.55 40.85
CA PHE A 60 5.99 30.22 39.46
C PHE A 60 5.10 29.07 39.00
N MET A 61 4.45 29.25 37.86
CA MET A 61 3.62 28.19 37.31
C MET A 61 3.89 28.02 35.82
N ASP A 62 4.18 26.79 35.40
CA ASP A 62 4.31 26.55 33.97
C ASP A 62 3.28 25.54 33.46
N CYS A 63 3.03 25.62 32.16
CA CYS A 63 2.15 24.68 31.47
C CYS A 63 2.84 24.12 30.24
N GLY A 64 2.32 23.02 29.71
CA GLY A 64 2.79 22.54 28.43
C GLY A 64 4.20 21.94 28.41
N PHE A 65 4.64 21.38 29.52
CA PHE A 65 5.84 20.53 29.51
C PHE A 65 5.67 19.44 28.46
N HIS A 66 4.52 18.80 28.48
CA HIS A 66 4.25 17.64 27.64
C HIS A 66 3.25 18.00 26.54
N ALA A 67 3.67 17.81 25.30
CA ALA A 67 3.00 18.44 24.16
C ALA A 67 1.52 18.07 24.03
N ARG A 68 1.20 16.80 24.27
CA ARG A 68 -0.16 16.30 24.03
C ARG A 68 -1.16 16.66 25.12
N GLU A 69 -0.67 17.25 26.22
CA GLU A 69 -1.53 17.53 27.37
C GLU A 69 -2.18 18.91 27.22
N TRP A 70 -3.05 19.01 26.21
CA TRP A 70 -3.58 20.30 25.76
C TRP A 70 -4.35 21.10 26.82
N ILE A 71 -5.00 20.40 27.76
CA ILE A 71 -5.74 21.12 28.79
C ILE A 71 -4.78 21.91 29.70
N SER A 72 -3.52 21.48 29.77
CA SER A 72 -2.52 22.21 30.54
C SER A 72 -2.28 23.61 29.98
N HIS A 73 -2.06 23.69 28.67
CA HIS A 73 -1.85 24.98 28.00
C HIS A 73 -3.08 25.85 28.21
N ALA A 74 -4.25 25.23 28.10
CA ALA A 74 -5.50 25.97 28.20
C ALA A 74 -5.64 26.59 29.60
N PHE A 75 -5.19 25.86 30.62
CA PHE A 75 -5.34 26.37 31.96
C PHE A 75 -4.51 27.63 32.19
N CYS A 76 -3.28 27.66 31.69
CA CYS A 76 -2.44 28.81 31.93
C CYS A 76 -3.05 30.08 31.34
N GLN A 77 -3.67 29.94 30.17
CA GLN A 77 -4.33 31.07 29.55
C GLN A 77 -5.56 31.49 30.36
N TRP A 78 -6.31 30.50 30.83
CA TRP A 78 -7.51 30.76 31.64
C TRP A 78 -7.14 31.53 32.90
N PHE A 79 -6.09 31.08 33.56
CA PHE A 79 -5.62 31.71 34.79
C PHE A 79 -5.37 33.20 34.55
N VAL A 80 -4.66 33.53 33.48
CA VAL A 80 -4.29 34.92 33.22
C VAL A 80 -5.51 35.81 33.06
N ARG A 81 -6.52 35.37 32.31
CA ARG A 81 -7.72 36.18 32.16
C ARG A 81 -8.45 36.34 33.48
N GLU A 82 -8.57 35.26 34.24
CA GLU A 82 -9.28 35.31 35.52
C GLU A 82 -8.59 36.31 36.45
N ALA A 83 -7.26 36.33 36.42
CA ALA A 83 -6.52 37.27 37.24
C ALA A 83 -6.89 38.71 36.88
N VAL A 84 -6.84 39.04 35.60
CA VAL A 84 -7.07 40.42 35.18
C VAL A 84 -8.55 40.82 35.24
N LEU A 85 -9.45 39.86 35.07
CA LEU A 85 -10.89 40.15 35.15
C LEU A 85 -11.38 40.41 36.56
N THR A 86 -10.81 39.69 37.53
CA THR A 86 -11.33 39.76 38.89
C THR A 86 -10.52 40.65 39.81
N TYR A 87 -9.36 41.12 39.35
CA TYR A 87 -8.58 42.04 40.16
C TYR A 87 -9.40 43.29 40.49
N GLY A 88 -9.53 43.58 41.79
CA GLY A 88 -10.29 44.74 42.21
C GLY A 88 -11.72 44.42 42.59
N TYR A 89 -12.19 43.22 42.24
CA TYR A 89 -13.55 42.83 42.55
C TYR A 89 -13.67 41.63 43.48
N GLU A 90 -12.76 40.67 43.33
CA GLU A 90 -12.75 39.51 44.22
C GLU A 90 -11.61 39.66 45.21
N SER A 91 -11.93 39.63 46.50
CA SER A 91 -10.99 40.00 47.54
C SER A 91 -9.69 39.21 47.46
N HIS A 92 -9.80 37.89 47.30
CA HIS A 92 -8.61 37.05 47.32
C HIS A 92 -7.66 37.33 46.16
N MET A 93 -8.17 37.32 44.94
CA MET A 93 -7.31 37.58 43.79
C MET A 93 -6.72 38.99 43.87
N THR A 94 -7.50 39.93 44.41
CA THR A 94 -7.01 41.29 44.56
C THR A 94 -5.81 41.30 45.51
N GLU A 95 -5.93 40.59 46.63
CA GLU A 95 -4.81 40.53 47.56
C GLU A 95 -3.60 39.80 46.95
N PHE A 96 -3.85 38.69 46.26
CA PHE A 96 -2.77 37.93 45.64
C PHE A 96 -1.91 38.83 44.77
N LEU A 97 -2.54 39.57 43.86
CA LEU A 97 -1.82 40.36 42.87
C LEU A 97 -1.17 41.60 43.48
N ASN A 98 -1.73 42.09 44.58
CA ASN A 98 -1.11 43.20 45.30
C ASN A 98 0.19 42.74 46.00
N LYS A 99 0.16 41.55 46.57
CA LYS A 99 1.24 41.10 47.45
C LYS A 99 2.30 40.24 46.78
N LEU A 100 1.92 39.49 45.77
CA LEU A 100 2.88 38.65 45.08
C LEU A 100 2.81 38.78 43.56
N ASP A 101 3.80 38.22 42.88
CA ASP A 101 3.74 38.09 41.44
C ASP A 101 3.57 36.62 41.05
N PHE A 102 2.74 36.38 40.06
CA PHE A 102 2.65 35.06 39.42
C PHE A 102 3.51 35.08 38.16
N TYR A 103 4.51 34.23 38.10
CA TYR A 103 5.17 33.96 36.83
C TYR A 103 4.42 32.82 36.16
N VAL A 104 3.85 33.11 34.99
CA VAL A 104 3.08 32.11 34.26
C VAL A 104 3.77 31.84 32.94
N LEU A 105 4.24 30.60 32.76
CA LEU A 105 4.88 30.20 31.52
C LEU A 105 3.86 29.40 30.70
N PRO A 106 3.25 30.01 29.69
CA PRO A 106 2.10 29.40 29.01
C PRO A 106 2.40 28.07 28.33
N VAL A 107 3.56 27.98 27.70
CA VAL A 107 3.94 26.76 26.99
C VAL A 107 5.46 26.60 27.06
N LEU A 108 5.94 25.55 27.72
CA LEU A 108 7.38 25.33 27.78
C LEU A 108 7.87 24.62 26.53
N ASN A 109 7.26 23.48 26.22
CA ASN A 109 7.68 22.65 25.10
C ASN A 109 6.91 23.05 23.83
N ILE A 110 7.25 24.21 23.28
CA ILE A 110 6.52 24.76 22.14
C ILE A 110 6.68 23.89 20.89
N ASP A 111 7.89 23.38 20.68
CA ASP A 111 8.16 22.60 19.48
C ASP A 111 7.31 21.35 19.44
N GLY A 112 7.20 20.67 20.58
CA GLY A 112 6.36 19.49 20.64
C GLY A 112 4.89 19.84 20.46
N TYR A 113 4.49 21.00 20.97
CA TYR A 113 3.08 21.39 20.88
C TYR A 113 2.71 21.63 19.43
N ILE A 114 3.58 22.33 18.70
CA ILE A 114 3.36 22.50 17.27
C ILE A 114 3.26 21.14 16.60
N TYR A 115 4.11 20.21 16.98
CA TYR A 115 4.06 18.89 16.35
C TYR A 115 2.72 18.20 16.59
N THR A 116 2.13 18.36 17.78
CA THR A 116 0.83 17.74 18.05
C THR A 116 -0.29 18.39 17.24
N TRP A 117 -0.06 19.60 16.77
CA TRP A 117 -1.03 20.29 15.93
C TRP A 117 -0.88 19.94 14.45
N THR A 118 0.31 19.51 14.05
CA THR A 118 0.61 19.34 12.63
C THR A 118 0.78 17.89 12.19
N LYS A 119 1.35 17.05 13.05
CA LYS A 119 1.74 15.70 12.62
C LYS A 119 1.26 14.57 13.51
N ASN A 120 1.31 14.77 14.83
CA ASN A 120 1.10 13.66 15.75
C ASN A 120 0.51 14.14 17.06
N ARG A 121 -0.81 14.02 17.17
CA ARG A 121 -1.54 14.51 18.33
C ARG A 121 -1.04 13.92 19.65
N MET A 122 -0.39 12.77 19.59
CA MET A 122 0.06 12.09 20.80
C MET A 122 1.55 12.27 21.10
N TRP A 123 2.20 13.20 20.40
CA TRP A 123 3.59 13.51 20.71
C TRP A 123 3.71 14.09 22.11
N ARG A 124 4.80 13.79 22.82
CA ARG A 124 4.99 14.35 24.15
C ARG A 124 6.34 15.02 24.36
N LYS A 125 7.38 14.50 23.72
CA LYS A 125 8.75 14.97 23.96
C LYS A 125 9.02 16.32 23.28
N THR A 126 10.24 16.82 23.46
CA THR A 126 10.73 17.93 22.64
C THR A 126 10.92 17.42 21.20
N ARG A 127 11.49 18.25 20.34
CA ARG A 127 11.73 17.86 18.95
C ARG A 127 13.19 18.03 18.56
N SER A 128 14.09 17.97 19.53
CA SER A 128 15.51 18.06 19.25
C SER A 128 16.04 16.78 18.60
N THR A 129 17.11 16.92 17.83
CA THR A 129 17.77 15.75 17.25
C THR A 129 18.65 15.06 18.29
N ASN A 130 18.99 13.80 18.03
CA ASN A 130 19.83 13.01 18.91
C ASN A 130 20.98 12.38 18.12
N ALA A 131 22.17 12.40 18.71
CA ALA A 131 23.35 11.88 18.02
C ALA A 131 23.20 10.38 17.77
N GLY A 132 23.57 9.96 16.56
CA GLY A 132 23.71 8.54 16.29
C GLY A 132 22.41 7.83 15.95
N THR A 133 21.34 8.60 15.79
CA THR A 133 20.03 8.01 15.55
C THR A 133 19.11 9.01 14.87
N THR A 134 18.06 8.50 14.22
CA THR A 134 17.04 9.35 13.62
C THR A 134 15.91 9.65 14.61
N CYS A 135 15.88 8.94 15.73
CA CYS A 135 14.87 9.19 16.75
C CYS A 135 14.95 10.61 17.32
N ILE A 136 13.79 11.21 17.52
CA ILE A 136 13.69 12.61 17.90
C ILE A 136 13.16 12.80 19.32
N GLY A 137 13.77 13.74 20.04
CA GLY A 137 13.14 14.27 21.23
C GLY A 137 13.57 13.69 22.55
N THR A 138 13.53 14.54 23.57
CA THR A 138 13.76 14.16 24.96
C THR A 138 12.50 14.50 25.77
N ASP A 139 12.23 13.71 26.80
CA ASP A 139 11.13 14.02 27.71
C ASP A 139 11.62 15.14 28.64
N PRO A 140 11.07 16.35 28.48
CA PRO A 140 11.62 17.46 29.28
C PRO A 140 11.44 17.25 30.78
N ASN A 141 10.44 16.46 31.17
CA ASN A 141 10.23 16.23 32.60
C ASN A 141 11.01 15.02 33.12
N ARG A 142 12.02 14.60 32.37
CA ARG A 142 13.02 13.67 32.89
C ARG A 142 14.41 14.25 32.69
N ASN A 143 14.45 15.53 32.34
CA ASN A 143 15.69 16.17 31.88
C ASN A 143 16.28 17.10 32.94
N PHE A 144 15.67 17.14 34.12
CA PHE A 144 16.18 17.99 35.20
C PHE A 144 17.13 17.22 36.12
N ASP A 145 17.95 17.99 36.83
CA ASP A 145 19.01 17.44 37.67
C ASP A 145 18.46 17.01 39.02
N ALA A 146 17.55 16.05 39.00
CA ALA A 146 17.00 15.46 40.22
C ALA A 146 17.06 13.94 40.10
N GLY A 147 18.04 13.34 40.76
CA GLY A 147 18.31 11.91 40.59
C GLY A 147 18.32 11.54 39.12
N TRP A 148 18.88 12.42 38.30
CA TRP A 148 18.71 12.35 36.85
C TRP A 148 18.95 10.97 36.24
N CYS A 149 17.92 10.49 35.54
CA CYS A 149 17.93 9.24 34.77
C CYS A 149 18.16 7.96 35.59
N THR A 150 18.07 8.05 36.92
CA THR A 150 18.33 6.90 37.77
C THR A 150 17.16 5.92 37.88
N THR A 151 15.94 6.41 37.75
CA THR A 151 14.78 5.53 37.76
C THR A 151 13.63 6.04 36.89
N GLY A 152 12.77 5.12 36.47
CA GLY A 152 11.59 5.49 35.70
C GLY A 152 11.92 6.32 34.48
N ALA A 153 13.03 6.01 33.82
CA ALA A 153 13.49 6.78 32.68
C ALA A 153 14.32 5.90 31.75
N SER A 154 14.35 6.27 30.47
CA SER A 154 15.13 5.52 29.48
C SER A 154 16.35 6.29 29.00
N THR A 155 17.39 5.56 28.63
CA THR A 155 18.58 6.18 28.05
C THR A 155 18.60 6.04 26.52
N ASP A 156 17.49 5.59 25.97
CA ASP A 156 17.36 5.37 24.53
C ASP A 156 16.52 6.50 23.95
N PRO A 157 17.09 7.29 23.03
CA PRO A 157 16.44 8.45 22.40
C PRO A 157 15.13 8.08 21.70
N CYS A 158 14.96 6.80 21.38
CA CYS A 158 13.78 6.34 20.68
C CYS A 158 12.58 6.12 21.60
N ASP A 159 12.80 6.21 22.91
CA ASP A 159 11.72 5.98 23.87
C ASP A 159 11.04 7.27 24.31
N GLU A 160 9.78 7.15 24.72
CA GLU A 160 8.99 8.31 25.12
C GLU A 160 9.46 8.93 26.42
N THR A 161 10.22 8.17 27.19
CA THR A 161 10.71 8.65 28.48
C THR A 161 12.22 8.91 28.47
N TYR A 162 12.79 9.12 27.29
CA TYR A 162 14.23 9.41 27.17
C TYR A 162 14.60 10.57 28.07
N CYS A 163 15.67 10.40 28.85
CA CYS A 163 16.00 11.41 29.84
C CYS A 163 16.92 12.48 29.27
N GLY A 164 17.30 12.31 27.99
CA GLY A 164 18.21 13.26 27.37
C GLY A 164 19.66 12.83 27.46
N SER A 165 20.53 13.52 26.72
CA SER A 165 21.95 13.17 26.69
C SER A 165 22.63 13.53 28.01
N ALA A 166 22.11 14.57 28.66
CA ALA A 166 22.60 15.00 29.96
C ALA A 166 21.49 15.84 30.60
N ALA A 167 21.55 16.02 31.91
CA ALA A 167 20.58 16.88 32.58
C ALA A 167 20.64 18.27 31.94
N GLU A 168 19.48 18.83 31.66
CA GLU A 168 19.36 20.15 31.02
C GLU A 168 19.96 20.20 29.62
N SER A 169 20.00 19.05 28.96
CA SER A 169 20.44 19.01 27.56
C SER A 169 19.50 19.80 26.66
N GLU A 170 18.24 19.90 27.05
CA GLU A 170 17.25 20.58 26.22
C GLU A 170 17.30 22.09 26.42
N LYS A 171 17.25 22.83 25.32
CA LYS A 171 17.29 24.29 25.44
C LYS A 171 16.15 24.77 26.33
N GLU A 172 15.00 24.09 26.25
CA GLU A 172 13.82 24.52 26.99
C GLU A 172 13.98 24.32 28.50
N THR A 173 14.49 23.17 28.90
CA THR A 173 14.66 22.89 30.31
C THR A 173 15.81 23.68 30.92
N LYS A 174 16.86 23.89 30.14
CA LYS A 174 17.97 24.73 30.59
C LYS A 174 17.47 26.16 30.81
N ALA A 175 16.63 26.65 29.91
CA ALA A 175 16.08 28.01 30.03
C ALA A 175 15.23 28.17 31.29
N LEU A 176 14.42 27.17 31.59
CA LEU A 176 13.54 27.21 32.76
C LEU A 176 14.37 27.13 34.04
N ALA A 177 15.30 26.18 34.10
CA ALA A 177 16.16 26.05 35.27
C ALA A 177 17.00 27.30 35.49
N ASP A 178 17.51 27.86 34.40
CA ASP A 178 18.28 29.11 34.50
C ASP A 178 17.44 30.20 35.14
N PHE A 179 16.18 30.33 34.73
CA PHE A 179 15.33 31.37 35.27
C PHE A 179 15.07 31.16 36.75
N ILE A 180 14.73 29.93 37.13
CA ILE A 180 14.44 29.63 38.51
C ILE A 180 15.67 29.86 39.39
N ARG A 181 16.84 29.43 38.93
CA ARG A 181 18.06 29.65 39.68
C ARG A 181 18.34 31.13 39.90
N ASN A 182 17.97 31.94 38.91
CA ASN A 182 18.26 33.37 38.96
C ASN A 182 17.23 34.13 39.77
N ASN A 183 16.22 33.42 40.25
CA ASN A 183 15.12 34.05 40.98
C ASN A 183 14.73 33.31 42.25
N LEU A 184 15.65 32.49 42.77
CA LEU A 184 15.38 31.69 43.97
C LEU A 184 14.95 32.51 45.18
N SER A 185 15.46 33.73 45.30
CA SER A 185 15.20 34.52 46.49
C SER A 185 13.73 34.91 46.58
N SER A 186 13.05 34.97 45.43
CA SER A 186 11.68 35.43 45.41
C SER A 186 10.63 34.35 45.16
N ILE A 187 10.99 33.29 44.46
CA ILE A 187 10.03 32.25 44.13
C ILE A 187 9.75 31.36 45.34
N LYS A 188 8.51 31.42 45.85
CA LYS A 188 8.16 30.73 47.07
C LYS A 188 7.43 29.42 46.80
N ALA A 189 6.93 29.27 45.58
CA ALA A 189 6.26 28.03 45.21
C ALA A 189 6.43 27.76 43.73
N TYR A 190 6.41 26.47 43.39
CA TYR A 190 6.53 26.05 42.01
C TYR A 190 5.36 25.12 41.68
N LEU A 191 4.59 25.49 40.66
CA LEU A 191 3.43 24.70 40.24
C LEU A 191 3.61 24.32 38.78
N THR A 192 3.53 23.03 38.46
CA THR A 192 3.68 22.63 37.07
C THR A 192 2.47 21.81 36.63
N ILE A 193 1.84 22.25 35.54
CA ILE A 193 0.51 21.76 35.17
C ILE A 193 0.60 20.70 34.09
N HIS A 194 0.04 19.53 34.38
CA HIS A 194 0.01 18.41 33.43
C HIS A 194 -1.42 17.84 33.35
N SER A 195 -1.60 16.87 32.45
CA SER A 195 -2.75 15.98 32.48
C SER A 195 -2.24 14.65 31.96
N TYR A 196 -2.98 13.55 32.18
CA TYR A 196 -4.20 13.54 32.99
C TYR A 196 -4.01 12.62 34.18
N SER A 197 -5.00 12.58 35.08
CA SER A 197 -5.14 11.55 36.13
C SER A 197 -5.86 12.08 37.36
N GLN A 198 -6.03 13.39 37.42
CA GLN A 198 -6.66 14.06 38.55
C GLN A 198 -5.92 13.79 39.85
N MET A 199 -4.71 14.35 39.94
CA MET A 199 -3.87 14.21 41.13
C MET A 199 -3.13 15.52 41.42
N ILE A 200 -2.81 15.74 42.68
CA ILE A 200 -1.79 16.70 43.05
C ILE A 200 -0.61 15.93 43.65
N LEU A 201 0.53 16.02 42.98
CA LEU A 201 1.76 15.34 43.39
C LEU A 201 2.70 16.32 44.05
N TYR A 202 3.43 15.87 45.07
CA TYR A 202 4.59 16.61 45.56
C TYR A 202 5.78 15.67 45.66
N PRO A 203 6.97 16.19 45.97
CA PRO A 203 8.18 15.35 45.99
C PRO A 203 8.08 14.22 47.01
N TYR A 204 8.80 13.12 46.77
CA TYR A 204 9.66 12.96 45.60
C TYR A 204 9.11 11.93 44.63
N SER A 205 9.53 12.03 43.37
CA SER A 205 9.30 10.98 42.39
C SER A 205 10.57 10.21 42.07
N TYR A 206 11.73 10.86 42.21
CA TYR A 206 12.96 10.18 41.82
C TYR A 206 13.45 9.18 42.85
N ASP A 207 12.81 9.19 44.01
CA ASP A 207 13.19 8.33 45.12
C ASP A 207 12.00 8.19 46.07
N TYR A 208 11.97 7.13 46.87
CA TYR A 208 10.87 6.93 47.79
C TYR A 208 10.99 7.73 49.08
N LYS A 209 12.15 8.34 49.32
CA LYS A 209 12.34 9.18 50.49
C LYS A 209 11.29 10.28 50.48
N LEU A 210 10.97 10.81 51.67
CA LEU A 210 9.97 11.88 51.78
C LEU A 210 10.65 13.21 52.04
N PRO A 211 10.06 14.30 51.54
CA PRO A 211 10.56 15.65 51.82
C PRO A 211 10.40 15.99 53.30
N GLU A 212 11.33 16.80 53.82
CA GLU A 212 11.32 17.19 55.21
C GLU A 212 9.93 17.66 55.65
N ASN A 213 9.24 18.39 54.78
CA ASN A 213 7.95 18.98 55.14
C ASN A 213 6.75 18.24 54.57
N ASN A 214 6.86 16.91 54.46
CA ASN A 214 5.83 16.13 53.80
C ASN A 214 4.48 16.18 54.51
N ALA A 215 4.48 16.31 55.84
CA ALA A 215 3.23 16.37 56.57
C ALA A 215 2.49 17.64 56.17
N GLU A 216 3.23 18.74 56.07
CA GLU A 216 2.65 20.01 55.63
C GLU A 216 2.15 19.91 54.20
N LEU A 217 2.96 19.32 53.32
CA LEU A 217 2.59 19.23 51.90
C LEU A 217 1.37 18.33 51.74
N ASN A 218 1.28 17.27 52.54
CA ASN A 218 0.12 16.39 52.48
C ASN A 218 -1.16 17.09 52.91
N ASN A 219 -1.10 17.84 54.02
CA ASN A 219 -2.24 18.62 54.49
C ASN A 219 -2.69 19.68 53.47
N LEU A 220 -1.73 20.35 52.83
CA LEU A 220 -2.06 21.36 51.83
C LEU A 220 -2.69 20.73 50.60
N ALA A 221 -2.10 19.65 50.09
CA ALA A 221 -2.70 18.93 48.96
C ALA A 221 -4.10 18.46 49.32
N LYS A 222 -4.27 17.91 50.52
CA LYS A 222 -5.58 17.44 50.96
C LYS A 222 -6.61 18.55 50.92
N ALA A 223 -6.25 19.70 51.46
CA ALA A 223 -7.15 20.85 51.49
C ALA A 223 -7.44 21.37 50.09
N ALA A 224 -6.44 21.35 49.23
CA ALA A 224 -6.61 21.83 47.87
C ALA A 224 -7.56 20.95 47.06
N VAL A 225 -7.49 19.64 47.22
CA VAL A 225 -8.36 18.76 46.45
C VAL A 225 -9.80 18.85 46.97
N LYS A 226 -9.95 19.11 48.26
CA LYS A 226 -11.26 19.33 48.86
C LYS A 226 -11.91 20.58 48.26
N GLU A 227 -11.13 21.65 48.15
CA GLU A 227 -11.61 22.88 47.53
C GLU A 227 -12.01 22.65 46.08
N LEU A 228 -11.16 21.96 45.34
CA LEU A 228 -11.43 21.69 43.94
C LEU A 228 -12.77 20.96 43.77
N ALA A 229 -13.03 20.00 44.66
CA ALA A 229 -14.23 19.17 44.54
C ALA A 229 -15.54 19.91 44.78
N THR A 230 -15.48 21.07 45.42
CA THR A 230 -16.71 21.80 45.78
C THR A 230 -17.55 22.17 44.56
N LEU A 231 -16.90 22.35 43.41
CA LEU A 231 -17.56 22.93 42.25
C LEU A 231 -18.37 21.91 41.45
N TYR A 232 -17.75 20.77 41.12
CA TYR A 232 -18.40 19.77 40.28
C TYR A 232 -18.21 18.35 40.82
N GLY A 233 -17.62 18.23 42.01
CA GLY A 233 -17.48 16.93 42.64
C GLY A 233 -16.30 16.12 42.13
N THR A 234 -15.47 16.74 41.30
CA THR A 234 -14.33 16.06 40.71
C THR A 234 -13.37 15.60 41.80
N LYS A 235 -12.98 14.32 41.72
CA LYS A 235 -12.17 13.71 42.76
C LYS A 235 -10.70 13.62 42.37
N TYR A 236 -9.84 14.18 43.21
CA TYR A 236 -8.40 14.09 43.03
C TYR A 236 -7.77 13.26 44.12
N THR A 237 -6.73 12.52 43.79
CA THR A 237 -5.86 11.94 44.81
C THR A 237 -4.58 12.75 44.90
N TYR A 238 -3.76 12.47 45.91
CA TYR A 238 -2.60 13.31 46.18
C TYR A 238 -1.57 12.57 47.01
N GLY A 239 -0.33 13.04 46.95
CA GLY A 239 0.73 12.44 47.72
C GLY A 239 2.07 12.57 47.02
N PRO A 240 3.11 11.94 47.57
CA PRO A 240 4.43 11.94 46.94
C PRO A 240 4.35 11.24 45.58
N GLY A 241 5.06 11.76 44.59
CA GLY A 241 4.93 11.22 43.25
C GLY A 241 5.22 9.72 43.18
N ALA A 242 6.26 9.28 43.88
CA ALA A 242 6.75 7.91 43.74
C ALA A 242 5.71 6.85 44.08
N THR A 243 4.92 7.11 45.13
CA THR A 243 3.90 6.15 45.56
C THR A 243 2.54 6.47 44.97
N THR A 244 2.32 7.71 44.58
CA THR A 244 1.00 8.14 44.12
C THR A 244 0.76 7.81 42.64
N ILE A 245 1.82 7.84 41.84
CA ILE A 245 1.77 7.36 40.47
C ILE A 245 2.76 6.23 40.32
N TYR A 246 4.02 6.61 40.13
CA TYR A 246 5.14 5.67 40.11
C TYR A 246 6.44 6.47 40.11
N PRO A 247 7.57 5.83 40.46
CA PRO A 247 8.84 6.55 40.47
C PRO A 247 9.25 7.04 39.08
N ALA A 248 9.78 8.25 39.02
CA ALA A 248 10.35 8.78 37.80
C ALA A 248 11.32 9.92 38.16
N ALA A 249 12.54 9.81 37.69
CA ALA A 249 13.58 10.78 38.04
C ALA A 249 13.56 11.92 37.04
N GLY A 250 14.26 13.00 37.39
CA GLY A 250 14.49 14.08 36.45
C GLY A 250 13.36 15.08 36.30
N GLY A 251 12.42 15.09 37.24
CA GLY A 251 11.26 15.96 37.12
C GLY A 251 11.49 17.35 37.68
N SER A 252 10.76 18.34 37.18
CA SER A 252 11.01 19.72 37.56
C SER A 252 10.50 20.06 38.96
N ASP A 253 9.46 19.36 39.40
CA ASP A 253 8.96 19.59 40.75
C ASP A 253 9.98 19.15 41.80
N ASP A 254 10.59 17.99 41.60
CA ASP A 254 11.64 17.52 42.51
C ASP A 254 12.85 18.44 42.50
N TRP A 255 13.29 18.84 41.31
CA TRP A 255 14.45 19.71 41.18
C TRP A 255 14.19 21.04 41.89
N ALA A 256 13.04 21.64 41.61
CA ALA A 256 12.70 22.93 42.21
C ALA A 256 12.69 22.81 43.72
N TYR A 257 12.17 21.70 44.24
CA TYR A 257 12.11 21.51 45.67
C TYR A 257 13.51 21.45 46.27
N ASP A 258 14.40 20.71 45.62
CA ASP A 258 15.76 20.60 46.11
C ASP A 258 16.58 21.88 45.90
N GLN A 259 16.04 22.84 45.15
CA GLN A 259 16.62 24.18 45.07
C GLN A 259 16.23 25.01 46.29
N GLY A 260 15.23 24.53 47.03
CA GLY A 260 14.80 25.24 48.22
C GLY A 260 13.40 25.82 48.11
N ILE A 261 12.73 25.55 46.99
CA ILE A 261 11.34 25.98 46.84
C ILE A 261 10.43 24.95 47.53
N LYS A 262 9.99 25.29 48.73
CA LYS A 262 9.45 24.31 49.66
C LYS A 262 8.03 23.88 49.30
N TYR A 263 7.37 24.69 48.49
CA TYR A 263 6.05 24.32 47.98
C TYR A 263 6.14 24.04 46.49
N SER A 264 6.24 22.75 46.15
CA SER A 264 6.40 22.34 44.78
C SER A 264 5.38 21.25 44.45
N PHE A 265 4.53 21.51 43.46
CA PHE A 265 3.45 20.59 43.11
C PHE A 265 3.37 20.32 41.62
N THR A 266 3.12 19.07 41.26
CA THR A 266 2.64 18.76 39.92
C THR A 266 1.14 18.52 39.97
N PHE A 267 0.41 19.24 39.12
CA PHE A 267 -1.03 19.02 38.96
C PHE A 267 -1.25 18.15 37.74
N GLU A 268 -2.01 17.06 37.90
CA GLU A 268 -2.50 16.29 36.77
C GLU A 268 -4.00 16.53 36.67
N LEU A 269 -4.43 17.18 35.58
CA LEU A 269 -5.83 17.60 35.47
C LEU A 269 -6.72 16.50 34.89
N ARG A 270 -7.96 16.84 34.54
CA ARG A 270 -8.91 15.85 34.01
C ARG A 270 -8.36 15.18 32.76
N ASP A 271 -8.82 13.97 32.46
CA ASP A 271 -9.75 13.24 33.33
C ASP A 271 -9.05 12.03 33.95
N LYS A 272 -9.75 10.90 34.02
CA LYS A 272 -9.15 9.69 34.58
C LYS A 272 -8.90 8.61 33.53
N GLY A 273 -9.04 8.96 32.26
CA GLY A 273 -8.72 8.00 31.22
C GLY A 273 -9.81 7.76 30.19
N ARG A 274 -11.02 8.25 30.46
CA ARG A 274 -12.08 8.14 29.46
C ARG A 274 -11.66 8.77 28.15
N TYR A 275 -11.25 10.04 28.21
CA TYR A 275 -10.69 10.71 27.04
C TYR A 275 -9.17 10.86 27.12
N GLY A 276 -8.63 10.85 28.33
CA GLY A 276 -7.18 10.92 28.48
C GLY A 276 -6.62 12.24 28.03
N PHE A 277 -5.62 12.21 27.15
CA PHE A 277 -4.99 13.45 26.70
C PHE A 277 -5.90 14.22 25.75
N ILE A 278 -6.87 13.54 25.17
CA ILE A 278 -7.73 14.17 24.16
C ILE A 278 -9.01 14.66 24.84
N LEU A 279 -8.85 15.50 25.86
CA LEU A 279 -9.99 16.02 26.61
C LEU A 279 -10.76 16.96 25.69
N PRO A 280 -12.06 16.74 25.55
CA PRO A 280 -12.85 17.59 24.64
C PRO A 280 -12.85 19.04 25.09
N GLU A 281 -12.94 19.95 24.12
CA GLU A 281 -12.97 21.38 24.39
C GLU A 281 -14.15 21.75 25.28
N SER A 282 -15.19 20.94 25.22
CA SER A 282 -16.39 21.15 26.03
C SER A 282 -16.12 21.03 27.53
N GLN A 283 -14.98 20.46 27.90
CA GLN A 283 -14.63 20.38 29.31
C GLN A 283 -13.60 21.42 29.75
N ILE A 284 -13.17 22.30 28.85
CA ILE A 284 -12.15 23.27 29.21
C ILE A 284 -12.61 24.20 30.34
N GLN A 285 -13.80 24.76 30.21
CA GLN A 285 -14.31 25.68 31.21
C GLN A 285 -14.44 25.08 32.60
N ALA A 286 -15.08 23.91 32.69
CA ALA A 286 -15.32 23.28 33.98
C ALA A 286 -13.99 22.86 34.62
N THR A 287 -13.10 22.29 33.81
CA THR A 287 -11.79 21.87 34.32
C THR A 287 -11.00 23.07 34.85
N CYS A 288 -10.94 24.13 34.05
CA CYS A 288 -10.16 25.31 34.44
C CYS A 288 -10.73 25.96 35.69
N GLU A 289 -12.05 26.05 35.74
CA GLU A 289 -12.74 26.69 36.86
C GLU A 289 -12.44 25.97 38.17
N GLU A 290 -12.52 24.64 38.17
CA GLU A 290 -12.29 23.90 39.41
C GLU A 290 -10.82 23.92 39.78
N THR A 291 -9.95 23.93 38.76
CA THR A 291 -8.51 23.92 39.02
C THR A 291 -8.10 25.26 39.62
N MET A 292 -8.73 26.33 39.16
CA MET A 292 -8.51 27.67 39.73
C MET A 292 -8.66 27.66 41.25
N LEU A 293 -9.64 26.91 41.75
CA LEU A 293 -9.90 26.93 43.18
C LEU A 293 -8.75 26.31 43.97
N ALA A 294 -8.17 25.24 43.45
CA ALA A 294 -7.05 24.61 44.11
C ALA A 294 -5.82 25.51 44.04
N ILE A 295 -5.59 26.13 42.87
CA ILE A 295 -4.42 26.98 42.70
C ILE A 295 -4.50 28.18 43.64
N LYS A 296 -5.69 28.77 43.72
CA LYS A 296 -5.88 29.90 44.63
C LYS A 296 -5.76 29.48 46.10
N TYR A 297 -6.20 28.26 46.43
CA TYR A 297 -6.07 27.82 47.81
C TYR A 297 -4.60 27.71 48.19
N VAL A 298 -3.81 27.10 47.31
CA VAL A 298 -2.39 26.97 47.51
C VAL A 298 -1.73 28.34 47.64
N THR A 299 -2.11 29.24 46.74
CA THR A 299 -1.55 30.60 46.74
C THR A 299 -1.81 31.31 48.06
N ASN A 300 -3.05 31.22 48.55
CA ASN A 300 -3.38 31.86 49.83
C ASN A 300 -2.56 31.26 50.97
N TYR A 301 -2.40 29.94 50.95
CA TYR A 301 -1.62 29.27 51.99
C TYR A 301 -0.17 29.75 51.97
N VAL A 302 0.43 29.78 50.78
CA VAL A 302 1.81 30.22 50.65
C VAL A 302 1.98 31.67 51.14
N LEU A 303 1.03 32.52 50.78
CA LEU A 303 1.07 33.92 51.18
C LEU A 303 0.99 34.07 52.70
N GLY A 304 0.25 33.18 53.34
CA GLY A 304 0.10 33.24 54.79
C GLY A 304 1.26 32.56 55.51
N HIS A 305 2.17 31.97 54.74
CA HIS A 305 3.30 31.25 55.32
C HIS A 305 4.62 31.73 54.74
N LEU A 306 4.83 33.05 54.72
CA LEU A 306 6.14 33.59 54.40
C LEU A 306 6.49 34.77 55.28
N GLY B 3 -1.49 -5.38 26.16
CA GLY B 3 -0.51 -6.44 26.26
C GLY B 3 -0.27 -7.14 24.94
N HIS B 4 0.99 -7.46 24.67
CA HIS B 4 1.35 -8.12 23.43
C HIS B 4 1.00 -9.60 23.44
N SER B 5 0.48 -10.11 22.33
CA SER B 5 0.28 -11.54 22.15
C SER B 5 0.73 -11.96 20.77
N TYR B 6 1.37 -13.11 20.68
CA TYR B 6 1.85 -13.61 19.40
C TYR B 6 0.74 -14.28 18.58
N GLU B 7 -0.39 -14.58 19.22
CA GLU B 7 -1.55 -15.09 18.50
C GLU B 7 -2.70 -14.08 18.41
N LYS B 8 -2.38 -12.80 18.58
CA LYS B 8 -3.33 -11.72 18.26
C LYS B 8 -2.64 -10.70 17.37
N TYR B 9 -3.43 -9.90 16.66
CA TYR B 9 -2.88 -8.74 15.98
C TYR B 9 -2.71 -7.60 16.98
N ASN B 10 -1.54 -6.96 16.94
CA ASN B 10 -1.15 -5.97 17.93
C ASN B 10 -1.06 -4.59 17.29
N ASN B 11 -1.56 -3.58 17.98
CA ASN B 11 -1.50 -2.22 17.44
C ASN B 11 -0.09 -1.66 17.58
N TRP B 12 0.17 -0.51 16.96
CA TRP B 12 1.54 -0.03 16.91
C TRP B 12 2.13 0.21 18.29
N GLU B 13 1.35 0.79 19.20
CA GLU B 13 1.83 1.05 20.55
C GLU B 13 2.37 -0.24 21.15
N THR B 14 1.60 -1.31 20.99
CA THR B 14 1.99 -2.60 21.52
C THR B 14 3.23 -3.17 20.82
N ILE B 15 3.30 -3.02 19.49
CA ILE B 15 4.45 -3.55 18.76
C ILE B 15 5.73 -2.80 19.15
N GLU B 16 5.65 -1.48 19.23
CA GLU B 16 6.79 -0.68 19.68
C GLU B 16 7.26 -1.14 21.06
N ALA B 17 6.35 -1.29 22.01
CA ALA B 17 6.74 -1.71 23.34
C ALA B 17 7.37 -3.10 23.26
N TRP B 18 6.87 -3.91 22.33
CA TRP B 18 7.40 -5.25 22.14
C TRP B 18 8.83 -5.24 21.61
N THR B 19 9.15 -4.32 20.70
CA THR B 19 10.50 -4.31 20.16
C THR B 19 11.50 -4.04 21.28
N LYS B 20 11.09 -3.22 22.25
CA LYS B 20 11.95 -2.91 23.38
C LYS B 20 12.08 -4.11 24.32
N GLN B 21 10.95 -4.76 24.63
CA GLN B 21 10.96 -5.83 25.62
C GLN B 21 11.65 -7.10 25.10
N VAL B 22 11.42 -7.46 23.84
CA VAL B 22 12.02 -8.67 23.31
C VAL B 22 13.54 -8.46 23.21
N THR B 23 13.94 -7.23 22.94
CA THR B 23 15.37 -6.89 22.92
C THR B 23 15.96 -6.96 24.32
N SER B 24 15.28 -6.38 25.30
CA SER B 24 15.76 -6.38 26.69
C SER B 24 15.89 -7.80 27.24
N GLU B 25 15.00 -8.69 26.81
CA GLU B 25 14.98 -10.06 27.31
C GLU B 25 15.99 -10.96 26.59
N ASN B 26 16.47 -10.52 25.42
CA ASN B 26 17.39 -11.32 24.63
C ASN B 26 18.59 -10.51 24.15
N PRO B 27 19.30 -9.86 25.09
CA PRO B 27 20.40 -8.96 24.70
C PRO B 27 21.55 -9.69 24.01
N ASP B 28 21.62 -11.00 24.19
CA ASP B 28 22.68 -11.80 23.58
C ASP B 28 22.41 -12.08 22.09
N LEU B 29 21.16 -11.88 21.67
CA LEU B 29 20.72 -12.31 20.34
C LEU B 29 20.01 -11.21 19.56
N ILE B 30 19.64 -10.11 20.22
CA ILE B 30 18.92 -9.04 19.54
C ILE B 30 19.44 -7.66 19.91
N SER B 31 19.64 -6.83 18.89
CA SER B 31 19.90 -5.41 19.04
C SER B 31 18.82 -4.65 18.28
N ARG B 32 18.39 -3.51 18.82
CA ARG B 32 17.36 -2.71 18.17
C ARG B 32 17.89 -1.34 17.77
N THR B 33 17.58 -0.91 16.56
CA THR B 33 17.78 0.49 16.16
C THR B 33 16.52 1.00 15.47
N ALA B 34 16.51 2.30 15.16
CA ALA B 34 15.58 2.85 14.19
C ALA B 34 16.37 3.22 12.95
N ILE B 35 15.79 2.99 11.78
CA ILE B 35 16.47 3.34 10.53
C ILE B 35 15.91 4.61 9.92
N GLY B 36 14.92 5.20 10.60
CA GLY B 36 14.30 6.41 10.09
C GLY B 36 13.02 6.71 10.85
N THR B 37 12.37 7.80 10.48
CA THR B 37 11.05 8.12 11.02
C THR B 37 10.03 8.16 9.89
N THR B 38 8.76 7.94 10.24
CA THR B 38 7.70 7.97 9.24
C THR B 38 7.22 9.39 9.01
N PHE B 39 6.32 9.57 8.06
CA PHE B 39 5.77 10.89 7.76
C PHE B 39 5.14 11.52 9.00
N LEU B 40 4.51 10.69 9.84
CA LEU B 40 3.85 11.19 11.04
C LEU B 40 4.70 11.04 12.30
N GLY B 41 5.99 10.75 12.12
CA GLY B 41 6.92 10.83 13.22
C GLY B 41 7.07 9.59 14.08
N ASN B 42 6.60 8.44 13.59
CA ASN B 42 6.83 7.19 14.30
C ASN B 42 8.21 6.61 13.96
N ASN B 43 8.76 5.80 14.86
CA ASN B 43 10.11 5.27 14.72
C ASN B 43 10.13 3.94 13.98
N ILE B 44 10.83 3.89 12.85
CA ILE B 44 10.89 2.66 12.06
C ILE B 44 11.95 1.73 12.64
N TYR B 45 11.53 0.83 13.52
CA TYR B 45 12.46 -0.06 14.20
C TYR B 45 12.99 -1.19 13.32
N LEU B 46 14.23 -1.57 13.58
CA LEU B 46 14.85 -2.71 12.94
C LEU B 46 15.46 -3.58 14.04
N LEU B 47 15.16 -4.87 14.02
CA LEU B 47 15.79 -5.80 14.95
C LEU B 47 16.87 -6.61 14.24
N LYS B 48 18.07 -6.59 14.80
CA LYS B 48 19.17 -7.43 14.32
C LYS B 48 19.24 -8.69 15.18
N VAL B 49 18.89 -9.81 14.59
CA VAL B 49 18.78 -11.06 15.34
C VAL B 49 19.91 -12.00 14.94
N GLY B 50 20.67 -12.44 15.92
CA GLY B 50 21.80 -13.30 15.64
C GLY B 50 22.85 -13.18 16.73
N LYS B 51 23.74 -14.17 16.77
CA LYS B 51 24.84 -14.14 17.71
C LYS B 51 25.94 -13.29 17.09
N PRO B 52 26.26 -12.17 17.73
CA PRO B 52 27.18 -11.17 17.16
C PRO B 52 28.54 -11.77 16.83
N GLY B 53 29.10 -11.36 15.70
CA GLY B 53 30.39 -11.85 15.27
C GLY B 53 30.92 -11.00 14.15
N PRO B 54 32.20 -11.14 13.78
CA PRO B 54 32.83 -10.33 12.73
C PRO B 54 32.44 -10.76 11.32
N ASN B 55 32.24 -9.78 10.45
CA ASN B 55 32.04 -10.04 9.03
C ASN B 55 31.02 -11.14 8.78
N LYS B 56 29.87 -11.03 9.44
CA LYS B 56 28.77 -11.96 9.22
C LYS B 56 27.91 -11.50 8.05
N PRO B 57 27.52 -12.43 7.17
CA PRO B 57 26.51 -12.17 6.15
C PRO B 57 25.13 -11.98 6.79
N ALA B 58 24.18 -11.46 6.04
CA ALA B 58 22.86 -11.19 6.61
C ALA B 58 21.72 -11.48 5.66
N ILE B 59 20.54 -11.74 6.21
CA ILE B 59 19.31 -11.78 5.45
C ILE B 59 18.38 -10.67 5.96
N PHE B 60 17.79 -9.94 5.03
CA PHE B 60 16.92 -8.82 5.40
C PHE B 60 15.47 -9.17 5.11
N MET B 61 14.63 -9.04 6.14
CA MET B 61 13.21 -9.35 6.02
C MET B 61 12.41 -8.20 6.57
N ASP B 62 11.41 -7.75 5.82
CA ASP B 62 10.48 -6.76 6.33
C ASP B 62 9.02 -7.20 6.24
N CYS B 63 8.21 -6.63 7.12
CA CYS B 63 6.77 -6.87 7.15
C CYS B 63 6.04 -5.54 7.16
N GLY B 64 4.75 -5.58 6.84
CA GLY B 64 3.93 -4.38 6.97
C GLY B 64 4.14 -3.27 5.96
N PHE B 65 4.61 -3.60 4.76
CA PHE B 65 4.61 -2.62 3.68
C PHE B 65 3.21 -2.06 3.50
N HIS B 66 2.22 -2.96 3.49
CA HIS B 66 0.84 -2.58 3.20
C HIS B 66 -0.02 -2.69 4.45
N ALA B 67 -0.69 -1.59 4.80
CA ALA B 67 -1.28 -1.42 6.12
C ALA B 67 -2.25 -2.54 6.48
N ARG B 68 -3.11 -2.90 5.54
CA ARG B 68 -4.21 -3.83 5.82
C ARG B 68 -3.79 -5.30 5.89
N GLU B 69 -2.55 -5.61 5.53
CA GLU B 69 -2.10 -7.00 5.49
C GLU B 69 -1.57 -7.48 6.85
N TRP B 70 -2.45 -7.52 7.84
CA TRP B 70 -2.05 -7.71 9.23
C TRP B 70 -1.29 -9.00 9.56
N ILE B 71 -1.49 -10.05 8.78
CA ILE B 71 -0.81 -11.30 9.07
C ILE B 71 0.69 -11.17 8.80
N SER B 72 1.03 -10.21 7.94
CA SER B 72 2.43 -9.92 7.68
C SER B 72 3.13 -9.42 8.94
N HIS B 73 2.57 -8.37 9.55
CA HIS B 73 3.14 -7.84 10.78
C HIS B 73 3.25 -8.96 11.82
N ALA B 74 2.21 -9.80 11.90
CA ALA B 74 2.19 -10.87 12.90
C ALA B 74 3.35 -11.83 12.65
N PHE B 75 3.67 -12.06 11.39
CA PHE B 75 4.75 -13.01 11.09
C PHE B 75 6.13 -12.55 11.55
N CYS B 76 6.48 -11.28 11.32
CA CYS B 76 7.80 -10.81 11.74
C CYS B 76 7.97 -10.97 13.24
N GLN B 77 6.90 -10.74 13.99
CA GLN B 77 6.97 -10.91 15.44
C GLN B 77 7.17 -12.39 15.77
N TRP B 78 6.37 -13.26 15.14
CA TRP B 78 6.50 -14.70 15.37
C TRP B 78 7.93 -15.18 15.14
N PHE B 79 8.51 -14.75 14.03
CA PHE B 79 9.85 -15.15 13.65
C PHE B 79 10.87 -14.87 14.73
N VAL B 80 10.81 -13.65 15.27
CA VAL B 80 11.79 -13.24 16.27
C VAL B 80 11.72 -14.14 17.49
N ARG B 81 10.51 -14.46 17.97
CA ARG B 81 10.43 -15.32 19.14
C ARG B 81 10.92 -16.73 18.86
N GLU B 82 10.52 -17.29 17.73
CA GLU B 82 10.98 -18.64 17.39
C GLU B 82 12.51 -18.68 17.34
N ALA B 83 13.09 -17.64 16.77
CA ALA B 83 14.54 -17.59 16.62
C ALA B 83 15.24 -17.65 17.97
N VAL B 84 14.84 -16.80 18.90
CA VAL B 84 15.57 -16.70 20.16
C VAL B 84 15.22 -17.80 21.15
N LEU B 85 14.04 -18.40 21.02
CA LEU B 85 13.69 -19.52 21.91
C LEU B 85 14.33 -20.85 21.48
N THR B 86 14.59 -21.03 20.19
CA THR B 86 15.12 -22.30 19.72
C THR B 86 16.63 -22.27 19.51
N TYR B 87 17.24 -21.09 19.59
CA TYR B 87 18.69 -21.00 19.50
C TYR B 87 19.35 -21.82 20.61
N GLY B 88 20.26 -22.70 20.23
CA GLY B 88 20.93 -23.53 21.22
C GLY B 88 20.31 -24.91 21.35
N TYR B 89 19.15 -25.11 20.73
CA TYR B 89 18.43 -26.37 20.84
C TYR B 89 18.07 -26.99 19.50
N GLU B 90 17.64 -26.16 18.56
CA GLU B 90 17.38 -26.63 17.21
C GLU B 90 18.59 -26.33 16.34
N SER B 91 19.24 -27.39 15.85
CA SER B 91 20.54 -27.27 15.21
C SER B 91 20.56 -26.28 14.05
N HIS B 92 19.50 -26.30 13.25
CA HIS B 92 19.46 -25.45 12.06
C HIS B 92 19.39 -23.96 12.41
N MET B 93 18.44 -23.59 13.27
CA MET B 93 18.31 -22.19 13.67
C MET B 93 19.55 -21.75 14.42
N THR B 94 20.16 -22.67 15.15
CA THR B 94 21.39 -22.37 15.88
C THR B 94 22.51 -22.04 14.88
N GLU B 95 22.63 -22.85 13.84
CA GLU B 95 23.59 -22.57 12.77
C GLU B 95 23.27 -21.24 12.09
N PHE B 96 21.99 -21.00 11.85
CA PHE B 96 21.57 -19.77 11.17
C PHE B 96 22.07 -18.54 11.93
N LEU B 97 21.79 -18.48 13.23
CA LEU B 97 22.13 -17.30 14.03
C LEU B 97 23.62 -17.23 14.36
N ASN B 98 24.32 -18.35 14.26
CA ASN B 98 25.75 -18.32 14.49
C ASN B 98 26.48 -17.78 13.26
N LYS B 99 25.99 -18.13 12.08
CA LYS B 99 26.69 -17.79 10.83
C LYS B 99 26.24 -16.49 10.19
N LEU B 100 24.99 -16.11 10.37
CA LEU B 100 24.48 -14.88 9.77
C LEU B 100 23.60 -14.08 10.73
N ASP B 101 23.26 -12.86 10.31
CA ASP B 101 22.31 -12.04 11.06
C ASP B 101 21.03 -11.93 10.25
N PHE B 102 19.90 -11.92 10.95
CA PHE B 102 18.64 -11.51 10.34
C PHE B 102 18.38 -10.07 10.71
N TYR B 103 18.19 -9.22 9.72
CA TYR B 103 17.61 -7.90 9.96
C TYR B 103 16.11 -8.02 9.76
N VAL B 104 15.38 -7.83 10.86
CA VAL B 104 13.93 -7.96 10.82
C VAL B 104 13.29 -6.60 11.04
N LEU B 105 12.53 -6.14 10.06
CA LEU B 105 11.85 -4.85 10.15
C LEU B 105 10.37 -5.15 10.36
N PRO B 106 9.91 -5.07 11.62
CA PRO B 106 8.56 -5.59 11.87
C PRO B 106 7.40 -4.84 11.21
N VAL B 107 7.51 -3.51 11.12
CA VAL B 107 6.49 -2.73 10.43
C VAL B 107 7.12 -1.58 9.65
N LEU B 108 7.01 -1.61 8.33
CA LEU B 108 7.55 -0.53 7.52
C LEU B 108 6.60 0.65 7.49
N ASN B 109 5.36 0.41 7.07
CA ASN B 109 4.36 1.46 6.89
C ASN B 109 3.55 1.64 8.18
N ILE B 110 4.17 2.27 9.17
CA ILE B 110 3.57 2.37 10.49
C ILE B 110 2.36 3.30 10.51
N ASP B 111 2.47 4.42 9.80
CA ASP B 111 1.39 5.40 9.75
C ASP B 111 0.14 4.74 9.16
N GLY B 112 0.30 3.99 8.07
CA GLY B 112 -0.83 3.34 7.45
C GLY B 112 -1.42 2.30 8.39
N TYR B 113 -0.56 1.59 9.09
CA TYR B 113 -1.01 0.56 10.02
C TYR B 113 -1.88 1.16 11.12
N ILE B 114 -1.43 2.27 11.71
CA ILE B 114 -2.23 2.93 12.73
C ILE B 114 -3.60 3.30 12.16
N TYR B 115 -3.63 3.75 10.91
CA TYR B 115 -4.86 4.16 10.27
C TYR B 115 -5.84 2.99 10.10
N THR B 116 -5.33 1.77 9.88
CA THR B 116 -6.24 0.61 9.75
C THR B 116 -6.82 0.23 11.11
N TRP B 117 -6.17 0.67 12.18
CA TRP B 117 -6.63 0.41 13.54
C TRP B 117 -7.64 1.44 14.04
N THR B 118 -7.63 2.64 13.44
CA THR B 118 -8.42 3.74 13.96
C THR B 118 -9.53 4.21 13.03
N LYS B 119 -9.33 4.06 11.72
CA LYS B 119 -10.21 4.73 10.75
C LYS B 119 -10.70 3.82 9.63
N ASN B 120 -9.80 3.00 9.08
CA ASN B 120 -10.12 2.28 7.85
C ASN B 120 -9.31 0.99 7.73
N ARG B 121 -9.93 -0.12 8.10
CA ARG B 121 -9.27 -1.42 8.15
C ARG B 121 -8.67 -1.85 6.80
N MET B 122 -9.19 -1.29 5.71
CA MET B 122 -8.74 -1.69 4.39
C MET B 122 -7.77 -0.70 3.75
N TRP B 123 -7.27 0.25 4.53
CA TRP B 123 -6.26 1.16 4.01
C TRP B 123 -5.01 0.36 3.67
N ARG B 124 -4.25 0.81 2.67
CA ARG B 124 -3.00 0.12 2.33
C ARG B 124 -1.79 1.04 2.20
N LYS B 125 -2.01 2.25 1.69
CA LYS B 125 -0.92 3.18 1.40
C LYS B 125 -0.31 3.83 2.65
N THR B 126 0.70 4.66 2.44
CA THR B 126 1.20 5.52 3.52
C THR B 126 0.15 6.57 3.83
N ARG B 127 0.50 7.54 4.68
CA ARG B 127 -0.43 8.61 5.03
C ARG B 127 0.13 10.00 4.79
N SER B 128 1.08 10.11 3.87
CA SER B 128 1.65 11.42 3.51
C SER B 128 0.68 12.24 2.67
N THR B 129 0.85 13.56 2.73
CA THR B 129 0.00 14.47 1.95
C THR B 129 0.45 14.58 0.49
N ASN B 130 -0.49 14.87 -0.39
CA ASN B 130 -0.21 15.06 -1.82
C ASN B 130 -0.65 16.45 -2.27
N ALA B 131 0.20 17.10 -3.06
CA ALA B 131 -0.07 18.45 -3.52
C ALA B 131 -1.30 18.51 -4.40
N GLY B 132 -2.14 19.53 -4.17
CA GLY B 132 -3.24 19.81 -5.08
C GLY B 132 -4.42 18.85 -4.99
N THR B 133 -4.46 18.06 -3.93
CA THR B 133 -5.54 17.10 -3.76
C THR B 133 -5.76 16.78 -2.29
N THR B 134 -6.97 16.35 -1.94
CA THR B 134 -7.26 15.90 -0.58
C THR B 134 -6.82 14.45 -0.40
N CYS B 135 -6.57 13.77 -1.52
CA CYS B 135 -6.18 12.36 -1.48
C CYS B 135 -4.84 12.14 -0.80
N ILE B 136 -4.77 11.08 0.01
CA ILE B 136 -3.64 10.84 0.89
C ILE B 136 -2.89 9.56 0.51
N GLY B 137 -1.57 9.59 0.61
CA GLY B 137 -0.81 8.36 0.59
C GLY B 137 -0.21 7.90 -0.73
N THR B 138 0.89 7.17 -0.60
CA THR B 138 1.59 6.56 -1.72
C THR B 138 1.72 5.06 -1.44
N ASP B 139 1.66 4.24 -2.47
CA ASP B 139 1.90 2.81 -2.30
C ASP B 139 3.41 2.61 -2.13
N PRO B 140 3.85 2.22 -0.92
CA PRO B 140 5.30 2.10 -0.72
C PRO B 140 5.96 1.08 -1.63
N ASN B 141 5.22 0.04 -2.01
CA ASN B 141 5.79 -0.97 -2.88
C ASN B 141 5.64 -0.61 -4.36
N ARG B 142 5.36 0.66 -4.63
CA ARG B 142 5.51 1.19 -5.97
C ARG B 142 6.41 2.43 -5.95
N ASN B 143 7.11 2.62 -4.84
CA ASN B 143 7.88 3.85 -4.61
C ASN B 143 9.39 3.63 -4.70
N PHE B 144 9.81 2.43 -5.08
CA PHE B 144 11.24 2.13 -5.19
C PHE B 144 11.78 2.37 -6.59
N ASP B 145 13.10 2.53 -6.69
CA ASP B 145 13.75 2.90 -7.94
C ASP B 145 14.00 1.65 -8.79
N ALA B 146 12.92 1.00 -9.21
CA ALA B 146 12.99 -0.17 -10.08
C ALA B 146 11.96 -0.03 -11.19
N GLY B 147 12.41 0.39 -12.37
CA GLY B 147 11.49 0.74 -13.43
C GLY B 147 10.43 1.71 -12.92
N TRP B 148 10.84 2.61 -12.02
CA TRP B 148 9.89 3.36 -11.22
C TRP B 148 8.75 3.97 -12.04
N CYS B 149 7.53 3.65 -11.63
CA CYS B 149 6.31 4.20 -12.21
C CYS B 149 6.22 4.06 -13.73
N THR B 150 6.83 3.02 -14.29
CA THR B 150 6.76 2.84 -15.73
C THR B 150 5.62 1.93 -16.19
N THR B 151 5.19 1.02 -15.33
CA THR B 151 4.09 0.13 -15.67
C THR B 151 3.35 -0.34 -14.42
N GLY B 152 2.08 -0.69 -14.58
CA GLY B 152 1.31 -1.23 -13.46
C GLY B 152 1.34 -0.33 -12.24
N ALA B 153 1.38 0.99 -12.48
CA ALA B 153 1.37 1.98 -11.41
C ALA B 153 0.68 3.25 -11.88
N SER B 154 0.17 4.03 -10.93
CA SER B 154 -0.61 5.21 -11.25
C SER B 154 0.09 6.48 -10.79
N THR B 155 -0.02 7.55 -11.59
CA THR B 155 0.45 8.86 -11.18
C THR B 155 -0.67 9.69 -10.55
N ASP B 156 -1.84 9.08 -10.36
CA ASP B 156 -2.94 9.76 -9.70
C ASP B 156 -2.83 9.50 -8.19
N PRO B 157 -2.64 10.57 -7.40
CA PRO B 157 -2.48 10.43 -5.95
C PRO B 157 -3.66 9.72 -5.29
N CYS B 158 -4.82 9.79 -5.94
CA CYS B 158 -6.03 9.18 -5.39
C CYS B 158 -6.12 7.67 -5.57
N ASP B 159 -5.26 7.11 -6.40
CA ASP B 159 -5.30 5.67 -6.68
C ASP B 159 -4.51 4.86 -5.65
N GLU B 160 -4.96 3.63 -5.41
CA GLU B 160 -4.31 2.75 -4.45
C GLU B 160 -2.90 2.37 -4.89
N THR B 161 -2.61 2.57 -6.17
CA THR B 161 -1.33 2.17 -6.73
C THR B 161 -0.48 3.38 -7.08
N TYR B 162 -0.79 4.51 -6.46
CA TYR B 162 -0.03 5.72 -6.68
C TYR B 162 1.45 5.50 -6.38
N CYS B 163 2.29 5.84 -7.34
CA CYS B 163 3.71 5.52 -7.25
C CYS B 163 4.51 6.58 -6.50
N GLY B 164 3.85 7.68 -6.13
CA GLY B 164 4.51 8.76 -5.43
C GLY B 164 4.97 9.87 -6.35
N SER B 165 5.42 10.98 -5.77
CA SER B 165 5.85 12.13 -6.57
C SER B 165 7.23 11.90 -7.18
N ALA B 166 7.96 10.94 -6.61
CA ALA B 166 9.30 10.62 -7.07
C ALA B 166 9.70 9.31 -6.41
N ALA B 167 10.68 8.61 -6.98
CA ALA B 167 11.18 7.39 -6.36
C ALA B 167 11.71 7.75 -4.98
N GLU B 168 11.35 6.94 -3.99
CA GLU B 168 11.78 7.18 -2.62
C GLU B 168 11.33 8.54 -2.06
N SER B 169 10.21 9.04 -2.57
CA SER B 169 9.60 10.25 -2.04
C SER B 169 9.09 10.03 -0.61
N GLU B 170 8.77 8.79 -0.31
CA GLU B 170 8.30 8.46 1.04
C GLU B 170 9.48 8.33 1.99
N LYS B 171 9.34 8.91 3.18
CA LYS B 171 10.38 8.78 4.19
C LYS B 171 10.66 7.31 4.48
N GLU B 172 9.61 6.50 4.51
CA GLU B 172 9.76 5.11 4.91
C GLU B 172 10.55 4.28 3.89
N THR B 173 10.28 4.50 2.61
CA THR B 173 10.97 3.75 1.58
C THR B 173 12.41 4.22 1.41
N LYS B 174 12.60 5.54 1.54
CA LYS B 174 13.94 6.10 1.52
C LYS B 174 14.77 5.55 2.68
N ALA B 175 14.18 5.44 3.86
CA ALA B 175 14.88 4.88 5.00
C ALA B 175 15.30 3.43 4.75
N LEU B 176 14.40 2.65 4.18
CA LEU B 176 14.67 1.25 3.88
C LEU B 176 15.76 1.12 2.82
N ALA B 177 15.62 1.89 1.75
CA ALA B 177 16.61 1.87 0.67
C ALA B 177 17.97 2.34 1.17
N ASP B 178 17.99 3.41 1.97
CA ASP B 178 19.23 3.88 2.57
C ASP B 178 19.94 2.77 3.34
N PHE B 179 19.21 2.08 4.21
CA PHE B 179 19.82 1.04 5.02
C PHE B 179 20.42 -0.08 4.17
N ILE B 180 19.65 -0.58 3.21
CA ILE B 180 20.14 -1.68 2.40
C ILE B 180 21.36 -1.24 1.61
N ARG B 181 21.32 -0.03 1.05
CA ARG B 181 22.47 0.49 0.31
C ARG B 181 23.71 0.59 1.18
N ASN B 182 23.51 0.90 2.46
CA ASN B 182 24.62 1.03 3.40
C ASN B 182 25.16 -0.30 3.89
N ASN B 183 24.44 -1.38 3.61
CA ASN B 183 24.84 -2.69 4.10
C ASN B 183 24.89 -3.73 2.97
N LEU B 184 25.21 -3.28 1.77
CA LEU B 184 25.06 -4.10 0.59
C LEU B 184 26.04 -5.28 0.56
N SER B 185 27.20 -5.11 1.19
CA SER B 185 28.22 -6.15 1.17
C SER B 185 27.84 -7.36 2.01
N SER B 186 26.93 -7.18 2.96
CA SER B 186 26.59 -8.25 3.89
C SER B 186 25.25 -8.92 3.56
N ILE B 187 24.33 -8.18 2.97
CA ILE B 187 22.98 -8.69 2.76
C ILE B 187 22.91 -9.60 1.54
N LYS B 188 22.61 -10.88 1.78
CA LYS B 188 22.65 -11.88 0.72
C LYS B 188 21.25 -12.26 0.24
N ALA B 189 20.24 -12.02 1.06
CA ALA B 189 18.87 -12.26 0.66
C ALA B 189 17.95 -11.18 1.19
N TYR B 190 16.90 -10.88 0.43
CA TYR B 190 15.89 -9.92 0.81
C TYR B 190 14.53 -10.59 0.76
N LEU B 191 13.80 -10.54 1.88
CA LEU B 191 12.50 -11.20 1.98
C LEU B 191 11.48 -10.17 2.43
N THR B 192 10.40 -10.00 1.67
CA THR B 192 9.40 -9.00 2.00
C THR B 192 8.03 -9.67 2.11
N ILE B 193 7.41 -9.52 3.27
CA ILE B 193 6.24 -10.31 3.63
C ILE B 193 4.94 -9.53 3.42
N HIS B 194 4.03 -10.12 2.63
CA HIS B 194 2.75 -9.52 2.32
C HIS B 194 1.62 -10.53 2.55
N SER B 195 0.38 -10.11 2.31
CA SER B 195 -0.72 -11.05 2.09
C SER B 195 -1.71 -10.35 1.17
N TYR B 196 -2.63 -11.10 0.54
CA TYR B 196 -2.75 -12.55 0.63
C TYR B 196 -2.64 -13.13 -0.78
N SER B 197 -2.68 -14.46 -0.88
CA SER B 197 -2.76 -15.20 -2.16
C SER B 197 -2.02 -16.53 -2.09
N GLN B 198 -1.18 -16.69 -1.08
CA GLN B 198 -0.38 -17.89 -0.93
C GLN B 198 0.54 -18.11 -2.12
N MET B 199 1.46 -17.18 -2.30
CA MET B 199 2.42 -17.23 -3.38
C MET B 199 3.81 -16.86 -2.89
N ILE B 200 4.82 -17.37 -3.58
CA ILE B 200 6.17 -16.81 -3.47
C ILE B 200 6.59 -16.23 -4.81
N LEU B 201 6.80 -14.92 -4.84
CA LEU B 201 7.19 -14.24 -6.07
C LEU B 201 8.67 -13.87 -6.05
N TYR B 202 9.26 -13.81 -7.24
CA TYR B 202 10.60 -13.24 -7.38
C TYR B 202 10.63 -12.37 -8.64
N PRO B 203 11.74 -11.64 -8.85
CA PRO B 203 11.79 -10.66 -9.95
C PRO B 203 11.63 -11.34 -11.30
N TYR B 204 11.13 -10.59 -12.28
CA TYR B 204 10.83 -9.17 -12.14
C TYR B 204 9.33 -8.89 -12.19
N SER B 205 8.92 -7.75 -11.62
CA SER B 205 7.56 -7.28 -11.76
C SER B 205 7.45 -6.02 -12.62
N TYR B 206 8.52 -5.24 -12.71
CA TYR B 206 8.44 -4.00 -13.48
C TYR B 206 8.62 -4.23 -14.98
N ASP B 207 8.93 -5.47 -15.35
CA ASP B 207 8.99 -5.87 -16.75
C ASP B 207 8.87 -7.38 -16.85
N TYR B 208 8.41 -7.86 -18.01
CA TYR B 208 8.23 -9.30 -18.20
C TYR B 208 9.55 -10.02 -18.39
N LYS B 209 10.65 -9.27 -18.46
CA LYS B 209 11.98 -9.86 -18.65
C LYS B 209 12.34 -10.74 -17.46
N LEU B 210 13.08 -11.83 -17.72
CA LEU B 210 13.47 -12.77 -16.68
C LEU B 210 14.82 -12.44 -16.07
N PRO B 211 14.97 -12.62 -14.75
CA PRO B 211 16.26 -12.47 -14.08
C PRO B 211 17.24 -13.53 -14.55
N GLU B 212 18.52 -13.19 -14.51
CA GLU B 212 19.58 -14.09 -14.96
C GLU B 212 19.53 -15.44 -14.25
N ASN B 213 19.27 -15.43 -12.93
CA ASN B 213 19.17 -16.67 -12.18
C ASN B 213 17.72 -17.13 -11.98
N ASN B 214 16.89 -16.84 -12.98
CA ASN B 214 15.49 -17.22 -12.97
C ASN B 214 15.25 -18.69 -12.64
N ALA B 215 16.02 -19.57 -13.28
CA ALA B 215 15.83 -21.01 -13.10
C ALA B 215 16.14 -21.41 -11.65
N GLU B 216 17.22 -20.87 -11.11
CA GLU B 216 17.63 -21.18 -9.74
C GLU B 216 16.56 -20.69 -8.77
N LEU B 217 16.08 -19.46 -8.97
CA LEU B 217 15.05 -18.91 -8.11
C LEU B 217 13.76 -19.72 -8.20
N ASN B 218 13.46 -20.25 -9.39
CA ASN B 218 12.20 -20.97 -9.56
C ASN B 218 12.25 -22.30 -8.83
N ASN B 219 13.38 -23.00 -8.95
CA ASN B 219 13.59 -24.26 -8.24
C ASN B 219 13.54 -24.04 -6.73
N LEU B 220 14.13 -22.94 -6.25
CA LEU B 220 14.16 -22.66 -4.82
C LEU B 220 12.77 -22.39 -4.28
N ALA B 221 11.98 -21.63 -5.04
CA ALA B 221 10.60 -21.32 -4.65
C ALA B 221 9.77 -22.61 -4.63
N LYS B 222 9.95 -23.43 -5.67
CA LYS B 222 9.28 -24.72 -5.74
C LYS B 222 9.60 -25.56 -4.51
N ALA B 223 10.86 -25.57 -4.11
CA ALA B 223 11.28 -26.37 -2.96
C ALA B 223 10.71 -25.79 -1.67
N ALA B 224 10.58 -24.46 -1.61
CA ALA B 224 10.15 -23.82 -0.38
C ALA B 224 8.66 -24.06 -0.16
N VAL B 225 7.87 -24.03 -1.23
CA VAL B 225 6.44 -24.23 -1.07
C VAL B 225 6.13 -25.68 -0.78
N LYS B 226 6.99 -26.58 -1.23
CA LYS B 226 6.83 -27.99 -0.91
C LYS B 226 7.07 -28.19 0.59
N GLU B 227 8.10 -27.55 1.10
CA GLU B 227 8.42 -27.63 2.52
C GLU B 227 7.29 -27.05 3.36
N LEU B 228 6.71 -25.94 2.90
CA LEU B 228 5.64 -25.28 3.63
C LEU B 228 4.40 -26.19 3.73
N ALA B 229 4.12 -26.91 2.66
CA ALA B 229 2.90 -27.70 2.57
C ALA B 229 2.90 -28.91 3.50
N THR B 230 4.07 -29.25 4.04
CA THR B 230 4.22 -30.47 4.85
C THR B 230 3.52 -30.36 6.20
N LEU B 231 3.34 -29.14 6.68
CA LEU B 231 2.79 -28.97 8.01
C LEU B 231 1.27 -29.14 8.03
N TYR B 232 0.57 -28.41 7.16
CA TYR B 232 -0.89 -28.40 7.17
C TYR B 232 -1.47 -28.57 5.77
N GLY B 233 -0.60 -28.82 4.79
CA GLY B 233 -1.05 -29.08 3.44
C GLY B 233 -1.40 -27.82 2.66
N THR B 234 -0.99 -26.67 3.17
CA THR B 234 -1.32 -25.40 2.55
C THR B 234 -0.62 -25.25 1.20
N LYS B 235 -1.36 -24.85 0.18
CA LYS B 235 -0.85 -24.82 -1.18
C LYS B 235 -0.45 -23.43 -1.68
N TYR B 236 0.83 -23.26 -1.98
CA TYR B 236 1.36 -22.02 -2.56
C TYR B 236 1.72 -22.24 -4.02
N THR B 237 1.53 -21.21 -4.84
CA THR B 237 2.12 -21.16 -6.17
C THR B 237 3.25 -20.14 -6.18
N TYR B 238 4.03 -20.10 -7.26
CA TYR B 238 5.24 -19.30 -7.30
C TYR B 238 5.64 -18.92 -8.72
N GLY B 239 6.44 -17.87 -8.85
CA GLY B 239 6.96 -17.48 -10.15
C GLY B 239 7.35 -16.02 -10.21
N PRO B 240 7.84 -15.55 -11.38
CA PRO B 240 8.18 -14.13 -11.52
C PRO B 240 6.92 -13.32 -11.28
N GLY B 241 7.07 -12.15 -10.65
CA GLY B 241 5.90 -11.38 -10.26
C GLY B 241 5.00 -10.97 -11.42
N ALA B 242 5.59 -10.55 -12.53
CA ALA B 242 4.81 -9.94 -13.60
C ALA B 242 3.83 -10.95 -14.19
N THR B 243 4.32 -12.17 -14.38
CA THR B 243 3.53 -13.21 -15.03
C THR B 243 2.58 -13.89 -14.06
N THR B 244 3.00 -13.99 -12.80
CA THR B 244 2.26 -14.76 -11.81
C THR B 244 1.07 -13.99 -11.24
N ILE B 245 1.19 -12.66 -11.21
CA ILE B 245 0.08 -11.82 -10.76
C ILE B 245 -0.23 -10.79 -11.84
N TYR B 246 0.59 -9.74 -11.90
CA TYR B 246 0.52 -8.76 -12.96
C TYR B 246 1.71 -7.81 -12.89
N PRO B 247 2.03 -7.12 -13.99
CA PRO B 247 3.17 -6.19 -13.92
C PRO B 247 2.91 -5.07 -12.93
N ALA B 248 3.97 -4.62 -12.27
CA ALA B 248 3.87 -3.55 -11.27
C ALA B 248 5.28 -3.04 -10.99
N ALA B 249 5.53 -1.79 -11.34
CA ALA B 249 6.86 -1.23 -11.22
C ALA B 249 7.09 -0.69 -9.80
N GLY B 250 8.35 -0.45 -9.48
CA GLY B 250 8.67 0.25 -8.25
C GLY B 250 8.63 -0.59 -6.98
N GLY B 251 8.73 -1.90 -7.10
CA GLY B 251 8.67 -2.75 -5.92
C GLY B 251 10.03 -2.98 -5.27
N SER B 252 10.03 -3.21 -3.96
CA SER B 252 11.30 -3.37 -3.24
C SER B 252 12.03 -4.67 -3.59
N ASP B 253 11.29 -5.70 -3.99
CA ASP B 253 11.94 -6.95 -4.34
C ASP B 253 12.78 -6.79 -5.61
N ASP B 254 12.24 -6.10 -6.60
CA ASP B 254 12.99 -5.85 -7.83
C ASP B 254 14.17 -4.92 -7.58
N TRP B 255 13.95 -3.88 -6.79
CA TRP B 255 15.01 -2.94 -6.46
C TRP B 255 16.16 -3.64 -5.75
N ALA B 256 15.82 -4.45 -4.75
CA ALA B 256 16.85 -5.18 -4.01
C ALA B 256 17.66 -6.07 -4.96
N TYR B 257 16.97 -6.73 -5.88
CA TYR B 257 17.64 -7.63 -6.79
C TYR B 257 18.60 -6.87 -7.71
N ASP B 258 18.19 -5.70 -8.16
CA ASP B 258 19.04 -4.90 -9.04
C ASP B 258 20.22 -4.29 -8.29
N GLN B 259 20.16 -4.31 -6.96
CA GLN B 259 21.29 -3.89 -6.14
C GLN B 259 22.35 -4.98 -6.02
N GLY B 260 22.01 -6.19 -6.46
CA GLY B 260 22.96 -7.29 -6.40
C GLY B 260 22.56 -8.38 -5.41
N ILE B 261 21.43 -8.20 -4.75
CA ILE B 261 20.91 -9.21 -3.83
C ILE B 261 20.16 -10.30 -4.60
N LYS B 262 20.84 -11.42 -4.83
CA LYS B 262 20.42 -12.40 -5.83
C LYS B 262 19.22 -13.24 -5.40
N TYR B 263 18.99 -13.32 -4.10
CA TYR B 263 17.82 -14.03 -3.60
C TYR B 263 16.84 -13.02 -3.03
N SER B 264 15.85 -12.67 -3.85
CA SER B 264 14.87 -11.67 -3.48
C SER B 264 13.48 -12.22 -3.73
N PHE B 265 12.67 -12.26 -2.66
CA PHE B 265 11.36 -12.91 -2.74
C PHE B 265 10.29 -12.06 -2.06
N THR B 266 9.12 -12.03 -2.67
CA THR B 266 7.93 -11.52 -2.00
C THR B 266 7.06 -12.71 -1.58
N PHE B 267 6.75 -12.78 -0.29
CA PHE B 267 5.82 -13.79 0.21
C PHE B 267 4.42 -13.19 0.32
N GLU B 268 3.44 -13.88 -0.22
CA GLU B 268 2.03 -13.55 0.02
C GLU B 268 1.41 -14.69 0.82
N LEU B 269 1.11 -14.42 2.09
CA LEU B 269 0.67 -15.46 3.01
C LEU B 269 -0.81 -15.77 2.84
N ARG B 270 -1.40 -16.48 3.80
CA ARG B 270 -2.80 -16.89 3.74
C ARG B 270 -3.72 -15.66 3.66
N ASP B 271 -4.91 -15.81 3.08
CA ASP B 271 -5.35 -17.06 2.46
C ASP B 271 -5.47 -16.88 0.95
N LYS B 272 -6.47 -17.52 0.34
CA LYS B 272 -6.68 -17.38 -1.10
C LYS B 272 -7.90 -16.53 -1.42
N GLY B 273 -8.49 -15.92 -0.40
CA GLY B 273 -9.56 -14.97 -0.65
C GLY B 273 -10.83 -15.17 0.16
N ARG B 274 -10.90 -16.23 0.95
CA ARG B 274 -12.07 -16.43 1.79
C ARG B 274 -12.20 -15.30 2.81
N TYR B 275 -11.13 -15.04 3.54
CA TYR B 275 -11.09 -13.91 4.45
C TYR B 275 -10.27 -12.76 3.89
N GLY B 276 -9.36 -13.08 2.96
CA GLY B 276 -8.60 -12.03 2.30
C GLY B 276 -7.65 -11.33 3.27
N PHE B 277 -7.74 -10.00 3.35
CA PHE B 277 -6.87 -9.25 4.24
C PHE B 277 -7.28 -9.42 5.69
N ILE B 278 -8.53 -9.80 5.91
CA ILE B 278 -9.06 -9.90 7.27
C ILE B 278 -8.93 -11.33 7.81
N LEU B 279 -7.71 -11.86 7.79
CA LEU B 279 -7.49 -13.24 8.25
C LEU B 279 -7.76 -13.30 9.76
N PRO B 280 -8.56 -14.27 10.20
CA PRO B 280 -8.88 -14.37 11.63
C PRO B 280 -7.65 -14.68 12.48
N GLU B 281 -7.67 -14.19 13.72
CA GLU B 281 -6.54 -14.39 14.62
C GLU B 281 -6.34 -15.87 14.87
N SER B 282 -7.41 -16.66 14.74
CA SER B 282 -7.33 -18.09 14.97
C SER B 282 -6.38 -18.80 14.01
N GLN B 283 -6.08 -18.17 12.87
CA GLN B 283 -5.14 -18.74 11.92
C GLN B 283 -3.71 -18.21 12.03
N ILE B 284 -3.47 -17.28 12.96
CA ILE B 284 -2.13 -16.73 13.07
C ILE B 284 -1.06 -17.79 13.32
N GLN B 285 -1.28 -18.65 14.32
CA GLN B 285 -0.29 -19.66 14.70
C GLN B 285 0.05 -20.61 13.57
N ALA B 286 -0.96 -21.15 12.90
CA ALA B 286 -0.70 -22.12 11.85
C ALA B 286 -0.06 -21.44 10.64
N THR B 287 -0.51 -20.24 10.32
CA THR B 287 0.06 -19.50 9.19
C THR B 287 1.54 -19.22 9.42
N CYS B 288 1.88 -18.75 10.61
CA CYS B 288 3.25 -18.38 10.91
C CYS B 288 4.17 -19.60 10.99
N GLU B 289 3.66 -20.70 11.53
CA GLU B 289 4.49 -21.89 11.67
C GLU B 289 4.84 -22.51 10.31
N GLU B 290 3.86 -22.61 9.43
CA GLU B 290 4.12 -23.15 8.10
C GLU B 290 5.00 -22.19 7.32
N THR B 291 4.79 -20.89 7.50
CA THR B 291 5.61 -19.91 6.81
C THR B 291 7.06 -19.99 7.29
N MET B 292 7.24 -20.20 8.58
CA MET B 292 8.58 -20.40 9.13
C MET B 292 9.37 -21.47 8.40
N LEU B 293 8.70 -22.53 7.98
CA LEU B 293 9.39 -23.64 7.32
C LEU B 293 9.96 -23.18 5.98
N ALA B 294 9.20 -22.35 5.27
CA ALA B 294 9.65 -21.82 3.98
C ALA B 294 10.79 -20.81 4.15
N ILE B 295 10.68 -19.95 5.16
CA ILE B 295 11.74 -18.97 5.41
C ILE B 295 13.04 -19.67 5.81
N LYS B 296 12.95 -20.68 6.68
CA LYS B 296 14.14 -21.42 7.10
C LYS B 296 14.74 -22.22 5.96
N TYR B 297 13.91 -22.72 5.05
CA TYR B 297 14.43 -23.44 3.89
C TYR B 297 15.22 -22.48 3.00
N VAL B 298 14.69 -21.29 2.78
CA VAL B 298 15.40 -20.29 1.97
C VAL B 298 16.70 -19.89 2.65
N THR B 299 16.66 -19.71 3.96
CA THR B 299 17.84 -19.29 4.71
C THR B 299 18.93 -20.34 4.60
N ASN B 300 18.55 -21.60 4.76
CA ASN B 300 19.52 -22.70 4.69
C ASN B 300 20.16 -22.74 3.31
N TYR B 301 19.36 -22.50 2.27
CA TYR B 301 19.87 -22.47 0.91
C TYR B 301 20.87 -21.33 0.72
N VAL B 302 20.51 -20.14 1.19
CA VAL B 302 21.39 -18.98 1.03
C VAL B 302 22.73 -19.23 1.72
N LEU B 303 22.68 -19.81 2.91
CA LEU B 303 23.88 -20.11 3.68
C LEU B 303 24.87 -20.94 2.89
N GLY B 304 24.36 -21.85 2.06
CA GLY B 304 25.22 -22.73 1.31
C GLY B 304 25.51 -22.21 -0.09
N HIS B 305 25.14 -20.96 -0.35
CA HIS B 305 25.38 -20.34 -1.65
C HIS B 305 25.81 -18.89 -1.47
N LEU B 306 26.72 -18.66 -0.52
CA LEU B 306 27.11 -17.31 -0.16
C LEU B 306 28.02 -16.67 -1.20
N THR C 2 -27.28 3.10 -39.79
CA THR C 2 -28.12 2.25 -38.96
C THR C 2 -27.41 1.90 -37.66
N GLY C 3 -28.14 1.98 -36.55
CA GLY C 3 -27.53 1.75 -35.26
C GLY C 3 -27.02 0.33 -35.11
N HIS C 4 -25.85 0.21 -34.48
CA HIS C 4 -25.20 -1.09 -34.33
C HIS C 4 -25.79 -1.88 -33.16
N SER C 5 -25.96 -3.18 -33.37
CA SER C 5 -26.32 -4.11 -32.30
C SER C 5 -25.39 -5.32 -32.36
N TYR C 6 -25.02 -5.85 -31.19
CA TYR C 6 -24.22 -7.07 -31.14
C TYR C 6 -25.10 -8.30 -31.28
N GLU C 7 -26.42 -8.08 -31.26
CA GLU C 7 -27.37 -9.18 -31.29
C GLU C 7 -28.23 -9.15 -32.56
N LYS C 8 -27.72 -8.48 -33.58
CA LYS C 8 -28.31 -8.52 -34.91
C LYS C 8 -27.17 -8.45 -35.93
N TYR C 9 -27.48 -8.76 -37.19
CA TYR C 9 -26.47 -8.66 -38.24
C TYR C 9 -26.42 -7.25 -38.80
N ASN C 10 -25.23 -6.67 -38.83
CA ASN C 10 -25.05 -5.27 -39.22
C ASN C 10 -24.42 -5.19 -40.61
N ASN C 11 -24.85 -4.22 -41.42
CA ASN C 11 -24.25 -4.05 -42.74
C ASN C 11 -22.87 -3.45 -42.60
N TRP C 12 -22.12 -3.39 -43.70
CA TRP C 12 -20.73 -2.96 -43.60
C TRP C 12 -20.64 -1.52 -43.11
N GLU C 13 -21.48 -0.65 -43.64
CA GLU C 13 -21.49 0.74 -43.19
C GLU C 13 -21.56 0.82 -41.67
N THR C 14 -22.41 -0.01 -41.08
CA THR C 14 -22.59 0.01 -39.63
C THR C 14 -21.39 -0.61 -38.93
N ILE C 15 -20.86 -1.70 -39.48
CA ILE C 15 -19.67 -2.31 -38.92
C ILE C 15 -18.45 -1.39 -39.01
N GLU C 16 -18.27 -0.73 -40.16
CA GLU C 16 -17.19 0.24 -40.29
C GLU C 16 -17.32 1.32 -39.22
N ALA C 17 -18.50 1.89 -39.08
CA ALA C 17 -18.76 2.93 -38.08
C ALA C 17 -18.47 2.41 -36.68
N TRP C 18 -18.80 1.14 -36.44
CA TRP C 18 -18.57 0.53 -35.14
C TRP C 18 -17.07 0.36 -34.81
N THR C 19 -16.26 0.02 -35.80
CA THR C 19 -14.83 -0.15 -35.51
C THR C 19 -14.24 1.17 -35.05
N LYS C 20 -14.74 2.27 -35.59
CA LYS C 20 -14.30 3.60 -35.18
C LYS C 20 -14.81 3.93 -33.78
N GLN C 21 -16.10 3.68 -33.55
CA GLN C 21 -16.71 4.05 -32.28
C GLN C 21 -16.19 3.23 -31.11
N VAL C 22 -16.10 1.92 -31.27
CA VAL C 22 -15.67 1.06 -30.17
C VAL C 22 -14.22 1.37 -29.79
N THR C 23 -13.45 1.80 -30.77
CA THR C 23 -12.07 2.22 -30.53
C THR C 23 -12.05 3.54 -29.75
N SER C 24 -12.91 4.47 -30.13
CA SER C 24 -13.01 5.76 -29.47
C SER C 24 -13.41 5.60 -28.02
N GLU C 25 -14.26 4.61 -27.77
CA GLU C 25 -14.83 4.40 -26.44
C GLU C 25 -13.87 3.63 -25.53
N ASN C 26 -12.89 2.96 -26.14
CA ASN C 26 -11.93 2.17 -25.38
C ASN C 26 -10.48 2.46 -25.78
N PRO C 27 -10.04 3.71 -25.63
CA PRO C 27 -8.70 4.13 -26.05
C PRO C 27 -7.58 3.48 -25.26
N ASP C 28 -7.92 2.96 -24.08
CA ASP C 28 -6.92 2.30 -23.24
C ASP C 28 -6.52 0.96 -23.84
N LEU C 29 -7.46 0.34 -24.55
CA LEU C 29 -7.28 -1.04 -24.98
C LEU C 29 -7.21 -1.20 -26.50
N ILE C 30 -8.04 -0.46 -27.22
CA ILE C 30 -8.18 -0.69 -28.66
C ILE C 30 -7.45 0.32 -29.52
N SER C 31 -6.78 -0.19 -30.55
CA SER C 31 -6.21 0.64 -31.60
C SER C 31 -6.73 0.08 -32.93
N ARG C 32 -7.06 0.97 -33.86
CA ARG C 32 -7.53 0.53 -35.17
C ARG C 32 -6.58 0.98 -36.27
N THR C 33 -6.34 0.10 -37.23
CA THR C 33 -5.65 0.46 -38.46
C THR C 33 -6.30 -0.28 -39.62
N ALA C 34 -5.89 0.06 -40.84
CA ALA C 34 -6.27 -0.71 -42.02
C ALA C 34 -5.02 -1.41 -42.55
N ILE C 35 -5.15 -2.70 -42.86
CA ILE C 35 -4.03 -3.48 -43.36
C ILE C 35 -3.98 -3.42 -44.88
N GLY C 36 -4.96 -2.75 -45.47
CA GLY C 36 -5.03 -2.67 -46.93
C GLY C 36 -6.43 -2.30 -47.39
N THR C 37 -6.63 -2.33 -48.70
CA THR C 37 -7.93 -2.04 -49.30
C THR C 37 -8.41 -3.23 -50.13
N THR C 38 -9.72 -3.38 -50.25
CA THR C 38 -10.29 -4.45 -51.06
C THR C 38 -10.19 -4.11 -52.54
N PHE C 39 -10.66 -5.01 -53.39
CA PHE C 39 -10.73 -4.76 -54.82
C PHE C 39 -11.52 -3.49 -55.13
N LEU C 40 -12.62 -3.29 -54.41
CA LEU C 40 -13.47 -2.12 -54.63
C LEU C 40 -12.99 -0.87 -53.88
N GLY C 41 -11.93 -1.03 -53.08
CA GLY C 41 -11.33 0.13 -52.44
C GLY C 41 -11.72 0.37 -51.00
N ASN C 42 -12.35 -0.62 -50.37
CA ASN C 42 -12.75 -0.47 -48.97
C ASN C 42 -11.61 -0.79 -48.01
N ASN C 43 -11.58 -0.07 -46.89
CA ASN C 43 -10.56 -0.27 -45.87
C ASN C 43 -10.75 -1.57 -45.11
N ILE C 44 -9.71 -2.39 -45.09
CA ILE C 44 -9.72 -3.64 -44.35
C ILE C 44 -9.25 -3.37 -42.94
N TYR C 45 -10.19 -3.05 -42.05
CA TYR C 45 -9.84 -2.63 -40.70
C TYR C 45 -9.41 -3.80 -39.82
N LEU C 46 -8.42 -3.53 -38.97
CA LEU C 46 -7.97 -4.49 -37.99
C LEU C 46 -7.98 -3.80 -36.62
N LEU C 47 -8.48 -4.50 -35.61
CA LEU C 47 -8.51 -3.97 -34.26
C LEU C 47 -7.41 -4.63 -33.43
N LYS C 48 -6.46 -3.82 -32.95
CA LYS C 48 -5.45 -4.29 -32.02
C LYS C 48 -5.98 -4.09 -30.59
N VAL C 49 -6.20 -5.20 -29.88
CA VAL C 49 -6.83 -5.15 -28.58
C VAL C 49 -5.86 -5.56 -27.48
N GLY C 50 -5.70 -4.70 -26.48
CA GLY C 50 -4.82 -5.01 -25.38
C GLY C 50 -4.17 -3.78 -24.78
N LYS C 51 -3.57 -3.95 -23.61
CA LYS C 51 -2.90 -2.84 -22.94
C LYS C 51 -1.54 -2.63 -23.57
N PRO C 52 -1.26 -1.41 -24.04
CA PRO C 52 0.02 -1.12 -24.70
C PRO C 52 1.20 -1.47 -23.80
N GLY C 53 2.22 -2.07 -24.40
CA GLY C 53 3.41 -2.42 -23.67
C GLY C 53 4.57 -2.68 -24.61
N PRO C 54 5.82 -2.63 -24.12
CA PRO C 54 6.99 -2.83 -24.98
C PRO C 54 7.02 -4.24 -25.55
N ASN C 55 7.26 -4.34 -26.86
CA ASN C 55 7.26 -5.62 -27.55
C ASN C 55 5.86 -6.22 -27.54
N LYS C 56 5.64 -7.11 -26.57
CA LYS C 56 4.36 -7.81 -26.43
C LYS C 56 4.11 -8.79 -27.55
N PRO C 57 3.86 -10.06 -27.21
CA PRO C 57 3.40 -11.03 -28.20
C PRO C 57 2.05 -10.62 -28.75
N ALA C 58 1.58 -11.33 -29.76
CA ALA C 58 0.28 -11.02 -30.36
C ALA C 58 -0.45 -12.29 -30.78
N ILE C 59 -1.77 -12.20 -30.86
CA ILE C 59 -2.57 -13.26 -31.47
C ILE C 59 -3.50 -12.68 -32.53
N PHE C 60 -3.60 -13.37 -33.67
CA PHE C 60 -4.39 -12.87 -34.79
C PHE C 60 -5.63 -13.74 -35.06
N MET C 61 -6.78 -13.09 -35.12
CA MET C 61 -8.04 -13.76 -35.45
C MET C 61 -8.82 -12.96 -36.50
N ASP C 62 -9.41 -13.66 -37.47
CA ASP C 62 -10.19 -12.98 -38.51
C ASP C 62 -11.57 -13.61 -38.71
N CYS C 63 -12.49 -12.80 -39.23
CA CYS C 63 -13.83 -13.25 -39.56
C CYS C 63 -14.17 -12.78 -40.98
N GLY C 64 -15.21 -13.37 -41.56
CA GLY C 64 -15.78 -12.82 -42.77
C GLY C 64 -15.06 -13.18 -44.07
N PHE C 65 -14.37 -14.33 -44.08
CA PHE C 65 -13.76 -14.80 -45.32
C PHE C 65 -14.82 -14.98 -46.41
N HIS C 66 -15.88 -15.70 -46.06
CA HIS C 66 -16.96 -15.99 -46.98
C HIS C 66 -18.15 -15.09 -46.71
N ALA C 67 -18.60 -14.38 -47.74
CA ALA C 67 -19.53 -13.29 -47.56
C ALA C 67 -20.83 -13.70 -46.86
N ARG C 68 -21.35 -14.87 -47.21
CA ARG C 68 -22.68 -15.28 -46.78
C ARG C 68 -22.73 -15.84 -45.36
N GLU C 69 -21.57 -16.09 -44.78
CA GLU C 69 -21.49 -16.71 -43.46
C GLU C 69 -21.57 -15.66 -42.33
N TRP C 70 -22.76 -15.07 -42.19
CA TRP C 70 -22.93 -13.84 -41.41
C TRP C 70 -22.65 -13.98 -39.92
N ILE C 71 -22.81 -15.17 -39.37
CA ILE C 71 -22.61 -15.37 -37.94
C ILE C 71 -21.13 -15.24 -37.62
N SER C 72 -20.31 -15.40 -38.64
CA SER C 72 -18.88 -15.20 -38.51
C SER C 72 -18.58 -13.73 -38.17
N HIS C 73 -19.09 -12.83 -39.01
CA HIS C 73 -18.84 -11.41 -38.81
C HIS C 73 -19.35 -11.00 -37.42
N ALA C 74 -20.49 -11.56 -37.03
CA ALA C 74 -21.06 -11.29 -35.72
C ALA C 74 -20.12 -11.65 -34.56
N PHE C 75 -19.36 -12.75 -34.68
CA PHE C 75 -18.52 -13.16 -33.56
C PHE C 75 -17.34 -12.25 -33.29
N CYS C 76 -16.65 -11.79 -34.33
CA CYS C 76 -15.53 -10.88 -34.13
C CYS C 76 -16.00 -9.65 -33.35
N GLN C 77 -17.18 -9.16 -33.66
CA GLN C 77 -17.71 -7.99 -32.96
C GLN C 77 -18.00 -8.34 -31.51
N TRP C 78 -18.57 -9.51 -31.29
CA TRP C 78 -18.87 -9.97 -29.94
C TRP C 78 -17.60 -10.06 -29.10
N PHE C 79 -16.56 -10.64 -29.66
CA PHE C 79 -15.30 -10.80 -28.94
C PHE C 79 -14.73 -9.47 -28.50
N VAL C 80 -14.80 -8.47 -29.37
CA VAL C 80 -14.23 -7.17 -29.05
C VAL C 80 -14.88 -6.57 -27.81
N ARG C 81 -16.20 -6.71 -27.71
CA ARG C 81 -16.90 -6.14 -26.57
C ARG C 81 -16.45 -6.80 -25.29
N GLU C 82 -16.43 -8.13 -25.29
CA GLU C 82 -16.00 -8.88 -24.12
C GLU C 82 -14.66 -8.35 -23.63
N ALA C 83 -13.74 -8.12 -24.57
CA ALA C 83 -12.39 -7.72 -24.22
C ALA C 83 -12.40 -6.39 -23.46
N VAL C 84 -13.03 -5.38 -24.05
CA VAL C 84 -12.99 -4.04 -23.48
C VAL C 84 -13.85 -3.92 -22.23
N LEU C 85 -14.89 -4.74 -22.13
CA LEU C 85 -15.81 -4.64 -21.01
C LEU C 85 -15.43 -5.53 -19.82
N THR C 86 -14.68 -6.59 -20.06
CA THR C 86 -14.33 -7.49 -18.96
C THR C 86 -12.90 -7.31 -18.47
N TYR C 87 -12.08 -6.61 -19.26
CA TYR C 87 -10.75 -6.26 -18.80
C TYR C 87 -10.90 -5.48 -17.50
N GLY C 88 -11.16 -6.20 -16.41
CA GLY C 88 -11.49 -5.57 -15.14
C GLY C 88 -12.62 -6.24 -14.38
N TYR C 89 -13.41 -7.06 -15.07
CA TYR C 89 -14.47 -7.82 -14.42
C TYR C 89 -14.11 -9.29 -14.27
N GLU C 90 -13.21 -9.77 -15.14
CA GLU C 90 -12.69 -11.13 -15.02
C GLU C 90 -11.17 -11.16 -14.98
N SER C 91 -10.63 -11.93 -14.06
CA SER C 91 -9.18 -11.98 -13.84
C SER C 91 -8.47 -12.66 -15.00
N HIS C 92 -9.22 -13.37 -15.83
CA HIS C 92 -8.65 -14.12 -16.94
C HIS C 92 -8.31 -13.22 -18.12
N MET C 93 -9.20 -12.28 -18.43
CA MET C 93 -9.03 -11.42 -19.59
C MET C 93 -7.95 -10.37 -19.35
N THR C 94 -7.75 -10.00 -18.10
CA THR C 94 -6.76 -8.97 -17.75
C THR C 94 -5.34 -9.50 -17.95
N GLU C 95 -5.15 -10.78 -17.62
CA GLU C 95 -3.89 -11.46 -17.85
C GLU C 95 -3.61 -11.54 -19.35
N PHE C 96 -4.66 -11.85 -20.11
CA PHE C 96 -4.55 -11.96 -21.56
C PHE C 96 -4.02 -10.68 -22.19
N LEU C 97 -4.66 -9.56 -21.89
CA LEU C 97 -4.37 -8.30 -22.57
C LEU C 97 -3.19 -7.56 -21.97
N ASN C 98 -2.86 -7.87 -20.72
CA ASN C 98 -1.65 -7.31 -20.11
C ASN C 98 -0.41 -7.84 -20.84
N LYS C 99 -0.42 -9.14 -21.11
CA LYS C 99 0.77 -9.80 -21.64
C LYS C 99 0.84 -9.73 -23.17
N LEU C 100 -0.30 -9.96 -23.82
CA LEU C 100 -0.32 -10.10 -25.27
C LEU C 100 -1.32 -9.14 -25.94
N ASP C 101 -1.02 -8.77 -27.18
CA ASP C 101 -1.97 -8.04 -28.00
C ASP C 101 -2.82 -9.03 -28.77
N PHE C 102 -4.07 -8.65 -29.02
CA PHE C 102 -4.97 -9.49 -29.79
C PHE C 102 -5.44 -8.72 -31.02
N TYR C 103 -4.93 -9.11 -32.20
CA TYR C 103 -5.34 -8.48 -33.45
C TYR C 103 -6.63 -9.11 -33.96
N VAL C 104 -7.65 -8.28 -34.19
CA VAL C 104 -8.96 -8.77 -34.62
C VAL C 104 -9.40 -8.14 -35.94
N LEU C 105 -9.61 -8.97 -36.94
CA LEU C 105 -10.03 -8.51 -38.26
C LEU C 105 -11.50 -8.88 -38.50
N PRO C 106 -12.41 -7.92 -38.29
CA PRO C 106 -13.85 -8.17 -38.27
C PRO C 106 -14.41 -8.75 -39.56
N VAL C 107 -13.97 -8.21 -40.69
CA VAL C 107 -14.48 -8.65 -41.99
C VAL C 107 -13.38 -8.60 -43.03
N LEU C 108 -12.92 -9.76 -43.50
CA LEU C 108 -11.88 -9.78 -44.52
C LEU C 108 -12.48 -9.47 -45.88
N ASN C 109 -13.54 -10.18 -46.23
CA ASN C 109 -14.11 -10.09 -47.58
C ASN C 109 -15.23 -9.06 -47.56
N ILE C 110 -14.86 -7.79 -47.47
CA ILE C 110 -15.81 -6.70 -47.31
C ILE C 110 -16.67 -6.52 -48.56
N ASP C 111 -16.05 -6.61 -49.73
CA ASP C 111 -16.75 -6.44 -51.00
C ASP C 111 -17.86 -7.47 -51.16
N GLY C 112 -17.52 -8.72 -50.86
CA GLY C 112 -18.52 -9.77 -50.91
C GLY C 112 -19.60 -9.59 -49.86
N TYR C 113 -19.21 -9.17 -48.66
CA TYR C 113 -20.19 -8.98 -47.60
C TYR C 113 -21.22 -7.94 -48.03
N ILE C 114 -20.74 -6.82 -48.57
CA ILE C 114 -21.65 -5.80 -49.07
C ILE C 114 -22.60 -6.40 -50.12
N TYR C 115 -22.05 -7.23 -51.01
CA TYR C 115 -22.87 -7.81 -52.08
C TYR C 115 -23.98 -8.68 -51.49
N THR C 116 -23.73 -9.31 -50.35
CA THR C 116 -24.76 -10.16 -49.75
C THR C 116 -25.89 -9.36 -49.12
N TRP C 117 -25.63 -8.08 -48.84
CA TRP C 117 -26.68 -7.18 -48.38
C TRP C 117 -27.40 -6.51 -49.53
N THR C 118 -26.67 -6.21 -50.60
CA THR C 118 -27.22 -5.41 -51.68
C THR C 118 -27.87 -6.24 -52.78
N LYS C 119 -27.29 -7.39 -53.12
CA LYS C 119 -27.71 -8.11 -54.32
C LYS C 119 -27.97 -9.60 -54.15
N ASN C 120 -27.08 -10.30 -53.46
CA ASN C 120 -27.12 -11.76 -53.48
C ASN C 120 -26.72 -12.35 -52.13
N ARG C 121 -27.71 -12.71 -51.32
CA ARG C 121 -27.49 -13.17 -49.95
C ARG C 121 -26.56 -14.38 -49.87
N MET C 122 -26.50 -15.15 -50.94
CA MET C 122 -25.70 -16.38 -50.94
C MET C 122 -24.35 -16.23 -51.63
N TRP C 123 -23.92 -14.99 -51.89
CA TRP C 123 -22.60 -14.78 -52.47
C TRP C 123 -21.50 -15.23 -51.51
N ARG C 124 -20.41 -15.75 -52.06
CA ARG C 124 -19.37 -16.37 -51.26
C ARG C 124 -18.02 -15.70 -51.48
N LYS C 125 -17.67 -15.50 -52.74
CA LYS C 125 -16.32 -15.09 -53.13
C LYS C 125 -16.07 -13.60 -52.97
N THR C 126 -14.86 -13.17 -53.30
CA THR C 126 -14.58 -11.74 -53.47
C THR C 126 -15.39 -11.21 -54.65
N ARG C 127 -15.15 -9.96 -55.03
CA ARG C 127 -15.88 -9.35 -56.12
C ARG C 127 -14.95 -8.79 -57.18
N SER C 128 -13.73 -9.32 -57.22
CA SER C 128 -12.76 -8.89 -58.22
C SER C 128 -13.12 -9.43 -59.59
N THR C 129 -12.73 -8.69 -60.63
CA THR C 129 -12.93 -9.13 -61.98
C THR C 129 -11.87 -10.14 -62.40
N ASN C 130 -12.19 -10.93 -63.42
CA ASN C 130 -11.28 -11.95 -63.93
C ASN C 130 -11.05 -11.72 -65.42
N ALA C 131 -9.78 -11.79 -65.84
CA ALA C 131 -9.43 -11.52 -67.23
C ALA C 131 -10.08 -12.55 -68.16
N GLY C 132 -10.64 -12.06 -69.26
CA GLY C 132 -11.15 -12.96 -70.29
C GLY C 132 -12.46 -13.65 -69.95
N THR C 133 -13.16 -13.17 -68.92
CA THR C 133 -14.46 -13.72 -68.58
C THR C 133 -15.32 -12.69 -67.85
N THR C 134 -16.64 -12.93 -67.89
CA THR C 134 -17.59 -12.08 -67.21
C THR C 134 -17.76 -12.51 -65.75
N CYS C 135 -17.33 -13.72 -65.44
CA CYS C 135 -17.50 -14.27 -64.10
C CYS C 135 -16.65 -13.54 -63.07
N ILE C 136 -17.23 -13.32 -61.90
CA ILE C 136 -16.68 -12.47 -60.86
C ILE C 136 -16.20 -13.28 -59.66
N GLY C 137 -15.05 -12.91 -59.13
CA GLY C 137 -14.69 -13.31 -57.78
C GLY C 137 -13.85 -14.56 -57.65
N THR C 138 -13.07 -14.58 -56.57
CA THR C 138 -12.21 -15.70 -56.22
C THR C 138 -12.58 -16.13 -54.80
N ASP C 139 -12.51 -17.43 -54.54
CA ASP C 139 -12.76 -17.96 -53.21
C ASP C 139 -11.54 -17.66 -52.34
N PRO C 140 -11.67 -16.74 -51.38
CA PRO C 140 -10.49 -16.33 -50.60
C PRO C 140 -9.83 -17.46 -49.81
N ASN C 141 -10.61 -18.47 -49.42
CA ASN C 141 -10.07 -19.60 -48.66
C ASN C 141 -9.62 -20.73 -49.56
N ARG C 142 -9.25 -20.39 -50.79
CA ARG C 142 -8.57 -21.32 -51.68
C ARG C 142 -7.47 -20.55 -52.39
N ASN C 143 -7.18 -19.36 -51.88
CA ASN C 143 -6.29 -18.42 -52.54
C ASN C 143 -4.96 -18.28 -51.79
N PHE C 144 -4.76 -19.11 -50.77
CA PHE C 144 -3.51 -19.07 -50.02
C PHE C 144 -2.55 -20.17 -50.45
N ASP C 145 -1.29 -20.02 -50.04
CA ASP C 145 -0.21 -20.89 -50.51
C ASP C 145 -0.12 -22.18 -49.69
N ALA C 146 -1.12 -23.04 -49.84
CA ALA C 146 -1.14 -24.31 -49.12
C ALA C 146 -1.60 -25.42 -50.05
N GLY C 147 -0.64 -26.08 -50.69
CA GLY C 147 -0.98 -27.05 -51.71
C GLY C 147 -1.94 -26.44 -52.71
N TRP C 148 -1.63 -25.22 -53.15
CA TRP C 148 -2.61 -24.34 -53.81
C TRP C 148 -3.30 -24.97 -55.02
N CYS C 149 -4.62 -24.95 -55.00
CA CYS C 149 -5.43 -25.41 -56.11
C CYS C 149 -5.13 -26.85 -56.51
N THR C 150 -4.72 -27.68 -55.55
CA THR C 150 -4.39 -29.06 -55.87
C THR C 150 -5.53 -30.03 -55.61
N THR C 151 -6.53 -29.60 -54.85
CA THR C 151 -7.68 -30.43 -54.56
C THR C 151 -8.85 -29.59 -54.04
N GLY C 152 -10.07 -30.02 -54.35
CA GLY C 152 -11.25 -29.37 -53.81
C GLY C 152 -11.42 -27.93 -54.21
N ALA C 153 -10.67 -27.50 -55.23
CA ALA C 153 -10.72 -26.11 -55.69
C ALA C 153 -10.80 -26.07 -57.22
N SER C 154 -11.62 -25.17 -57.74
CA SER C 154 -11.82 -25.11 -59.19
C SER C 154 -10.82 -24.18 -59.88
N THR C 155 -10.53 -24.46 -61.15
CA THR C 155 -9.70 -23.58 -61.96
C THR C 155 -10.56 -22.64 -62.81
N ASP C 156 -11.88 -22.76 -62.64
CA ASP C 156 -12.84 -22.01 -63.45
C ASP C 156 -13.37 -20.81 -62.66
N PRO C 157 -13.17 -19.59 -63.20
CA PRO C 157 -13.57 -18.37 -62.47
C PRO C 157 -15.07 -18.33 -62.18
N CYS C 158 -15.83 -19.11 -62.94
CA CYS C 158 -17.29 -19.12 -62.80
C CYS C 158 -17.77 -20.01 -61.68
N ASP C 159 -16.86 -20.77 -61.08
CA ASP C 159 -17.22 -21.65 -59.98
C ASP C 159 -17.00 -20.98 -58.64
N GLU C 160 -17.72 -21.45 -57.62
CA GLU C 160 -17.73 -20.81 -56.33
C GLU C 160 -16.48 -21.13 -55.52
N THR C 161 -15.71 -22.11 -55.98
CA THR C 161 -14.46 -22.47 -55.31
C THR C 161 -13.23 -22.08 -56.13
N TYR C 162 -13.40 -21.17 -57.09
CA TYR C 162 -12.29 -20.72 -57.92
C TYR C 162 -11.09 -20.33 -57.08
N CYS C 163 -9.93 -20.87 -57.40
CA CYS C 163 -8.76 -20.68 -56.56
C CYS C 163 -7.99 -19.41 -56.90
N GLY C 164 -8.36 -18.75 -58.00
CA GLY C 164 -7.71 -17.51 -58.37
C GLY C 164 -6.62 -17.69 -59.41
N SER C 165 -6.08 -16.58 -59.91
CA SER C 165 -5.06 -16.61 -60.96
C SER C 165 -3.71 -17.06 -60.41
N ALA C 166 -3.54 -16.93 -59.09
CA ALA C 166 -2.39 -17.47 -58.38
C ALA C 166 -2.65 -17.34 -56.90
N ALA C 167 -1.77 -17.90 -56.07
CA ALA C 167 -1.88 -17.68 -54.64
C ALA C 167 -1.78 -16.18 -54.35
N GLU C 168 -2.69 -15.68 -53.51
CA GLU C 168 -2.66 -14.29 -53.07
C GLU C 168 -2.89 -13.32 -54.21
N SER C 169 -3.61 -13.76 -55.23
CA SER C 169 -3.97 -12.89 -56.35
C SER C 169 -4.96 -11.81 -55.90
N GLU C 170 -5.67 -12.08 -54.82
CA GLU C 170 -6.66 -11.14 -54.31
C GLU C 170 -6.02 -10.13 -53.36
N LYS C 171 -6.40 -8.87 -53.48
CA LYS C 171 -5.83 -7.83 -52.64
C LYS C 171 -6.05 -8.17 -51.17
N GLU C 172 -7.20 -8.78 -50.86
CA GLU C 172 -7.57 -9.04 -49.48
C GLU C 172 -6.70 -10.12 -48.84
N THR C 173 -6.53 -11.24 -49.55
CA THR C 173 -5.71 -12.33 -49.05
C THR C 173 -4.24 -11.94 -49.03
N LYS C 174 -3.86 -11.04 -49.93
CA LYS C 174 -2.48 -10.56 -50.02
C LYS C 174 -2.17 -9.57 -48.88
N ALA C 175 -3.18 -8.80 -48.48
CA ALA C 175 -2.98 -7.84 -47.40
C ALA C 175 -2.90 -8.54 -46.06
N LEU C 176 -3.64 -9.65 -45.93
CA LEU C 176 -3.64 -10.43 -44.69
C LEU C 176 -2.33 -11.21 -44.54
N ALA C 177 -1.86 -11.78 -45.65
CA ALA C 177 -0.60 -12.50 -45.64
C ALA C 177 0.56 -11.54 -45.45
N ASP C 178 0.44 -10.33 -45.97
CA ASP C 178 1.47 -9.32 -45.79
C ASP C 178 1.60 -8.93 -44.32
N PHE C 179 0.46 -8.90 -43.63
CA PHE C 179 0.45 -8.52 -42.22
C PHE C 179 0.93 -9.66 -41.33
N ILE C 180 0.50 -10.88 -41.62
CA ILE C 180 0.79 -12.03 -40.77
C ILE C 180 2.24 -12.49 -40.86
N ARG C 181 2.81 -12.44 -42.07
CA ARG C 181 4.21 -12.77 -42.25
C ARG C 181 5.08 -11.69 -41.62
N ASN C 182 4.54 -10.49 -41.49
CA ASN C 182 5.31 -9.34 -41.02
C ASN C 182 5.28 -9.23 -39.49
N ASN C 183 4.35 -9.93 -38.87
CA ASN C 183 4.27 -10.00 -37.41
C ASN C 183 4.28 -11.46 -36.96
N LEU C 184 4.93 -12.30 -37.77
CA LEU C 184 4.89 -13.75 -37.58
C LEU C 184 5.49 -14.14 -36.23
N SER C 185 6.56 -13.45 -35.83
CA SER C 185 7.28 -13.80 -34.62
C SER C 185 6.39 -13.76 -33.37
N SER C 186 5.28 -13.03 -33.44
CA SER C 186 4.42 -12.82 -32.28
C SER C 186 3.18 -13.70 -32.24
N ILE C 187 2.63 -14.03 -33.41
CA ILE C 187 1.39 -14.77 -33.47
C ILE C 187 1.59 -16.22 -33.06
N LYS C 188 0.72 -16.72 -32.19
CA LYS C 188 0.91 -18.03 -31.60
C LYS C 188 -0.31 -18.92 -31.87
N ALA C 189 -1.41 -18.29 -32.24
CA ALA C 189 -2.60 -19.03 -32.67
C ALA C 189 -3.23 -18.33 -33.87
N TYR C 190 -3.86 -19.11 -34.73
CA TYR C 190 -4.63 -18.57 -35.84
C TYR C 190 -6.05 -19.11 -35.79
N LEU C 191 -7.02 -18.22 -35.71
CA LEU C 191 -8.42 -18.62 -35.64
C LEU C 191 -9.23 -17.92 -36.73
N THR C 192 -9.81 -18.71 -37.64
CA THR C 192 -10.66 -18.17 -38.69
C THR C 192 -12.07 -18.73 -38.58
N ILE C 193 -13.05 -17.83 -38.51
CA ILE C 193 -14.44 -18.24 -38.28
C ILE C 193 -15.22 -18.32 -39.60
N HIS C 194 -15.81 -19.47 -39.88
CA HIS C 194 -16.80 -19.64 -40.94
C HIS C 194 -18.11 -20.12 -40.35
N SER C 195 -19.08 -20.39 -41.21
CA SER C 195 -20.24 -21.23 -40.88
C SER C 195 -20.71 -21.85 -42.19
N TYR C 196 -21.46 -22.94 -42.15
CA TYR C 196 -21.91 -23.58 -40.91
C TYR C 196 -21.42 -25.03 -40.87
N SER C 197 -21.84 -25.75 -39.83
CA SER C 197 -21.61 -27.20 -39.66
C SER C 197 -21.53 -27.59 -38.19
N GLN C 198 -21.33 -26.58 -37.34
CA GLN C 198 -21.11 -26.82 -35.91
C GLN C 198 -19.95 -27.77 -35.69
N MET C 199 -18.77 -27.38 -36.16
CA MET C 199 -17.59 -28.19 -35.97
C MET C 199 -16.31 -27.36 -35.93
N ILE C 200 -15.28 -27.93 -35.32
CA ILE C 200 -13.96 -27.31 -35.27
C ILE C 200 -13.03 -28.14 -36.14
N LEU C 201 -12.33 -27.47 -37.05
CA LEU C 201 -11.38 -28.16 -37.92
C LEU C 201 -9.96 -27.73 -37.59
N TYR C 202 -9.01 -28.66 -37.71
CA TYR C 202 -7.59 -28.31 -37.71
C TYR C 202 -6.94 -29.02 -38.90
N PRO C 203 -5.68 -28.66 -39.22
CA PRO C 203 -5.02 -29.21 -40.41
C PRO C 203 -4.99 -30.74 -40.40
N TYR C 204 -4.90 -31.35 -41.58
CA TYR C 204 -4.87 -30.62 -42.85
C TYR C 204 -6.17 -30.80 -43.63
N SER C 205 -6.38 -29.92 -44.59
CA SER C 205 -7.51 -30.05 -45.51
C SER C 205 -7.05 -30.34 -46.93
N TYR C 206 -5.86 -29.85 -47.29
CA TYR C 206 -5.40 -30.01 -48.66
C TYR C 206 -4.74 -31.36 -48.90
N ASP C 207 -4.61 -32.15 -47.83
CA ASP C 207 -4.09 -33.50 -47.92
C ASP C 207 -4.52 -34.32 -46.71
N TYR C 208 -4.49 -35.64 -46.84
CA TYR C 208 -4.88 -36.52 -45.74
C TYR C 208 -3.77 -36.69 -44.71
N LYS C 209 -2.67 -35.98 -44.91
CA LYS C 209 -1.57 -35.95 -43.96
C LYS C 209 -2.00 -35.25 -42.67
N LEU C 210 -1.43 -35.67 -41.54
CA LEU C 210 -1.75 -35.06 -40.26
C LEU C 210 -0.61 -34.17 -39.76
N PRO C 211 -0.97 -33.06 -39.10
CA PRO C 211 0.02 -32.12 -38.55
C PRO C 211 0.93 -32.79 -37.53
N GLU C 212 2.10 -32.20 -37.30
CA GLU C 212 3.09 -32.77 -36.40
C GLU C 212 2.57 -32.94 -34.98
N ASN C 213 1.96 -31.89 -34.44
CA ASN C 213 1.44 -31.93 -33.08
C ASN C 213 -0.03 -32.27 -33.07
N ASN C 214 -0.42 -33.26 -33.88
CA ASN C 214 -1.81 -33.66 -33.98
C ASN C 214 -2.34 -34.19 -32.66
N ALA C 215 -1.45 -34.80 -31.87
CA ALA C 215 -1.83 -35.37 -30.59
C ALA C 215 -2.12 -34.28 -29.57
N GLU C 216 -1.47 -33.14 -29.73
CA GLU C 216 -1.65 -32.02 -28.82
C GLU C 216 -2.85 -31.16 -29.23
N LEU C 217 -3.17 -31.18 -30.51
CA LEU C 217 -4.28 -30.40 -31.04
C LEU C 217 -5.59 -31.17 -30.95
N ASN C 218 -5.50 -32.50 -30.96
CA ASN C 218 -6.68 -33.35 -30.88
C ASN C 218 -7.33 -33.27 -29.50
N ASN C 219 -6.48 -33.18 -28.47
CA ASN C 219 -6.97 -33.06 -27.11
C ASN C 219 -7.47 -31.64 -26.84
N LEU C 220 -6.98 -30.69 -27.63
CA LEU C 220 -7.39 -29.30 -27.50
C LEU C 220 -8.75 -29.10 -28.17
N ALA C 221 -8.94 -29.76 -29.31
CA ALA C 221 -10.21 -29.71 -30.02
C ALA C 221 -11.27 -30.51 -29.27
N LYS C 222 -10.83 -31.54 -28.57
CA LYS C 222 -11.72 -32.36 -27.75
C LYS C 222 -12.11 -31.61 -26.49
N ALA C 223 -11.29 -30.65 -26.10
CA ALA C 223 -11.50 -29.90 -24.86
C ALA C 223 -12.27 -28.61 -25.12
N ALA C 224 -12.14 -28.07 -26.32
CA ALA C 224 -12.76 -26.79 -26.66
C ALA C 224 -14.24 -26.97 -27.01
N VAL C 225 -14.56 -28.07 -27.67
CA VAL C 225 -15.94 -28.36 -28.03
C VAL C 225 -16.70 -28.88 -26.82
N LYS C 226 -15.95 -29.19 -25.76
CA LYS C 226 -16.56 -29.57 -24.49
C LYS C 226 -16.63 -28.36 -23.57
N GLU C 227 -15.56 -27.58 -23.55
CA GLU C 227 -15.56 -26.33 -22.79
C GLU C 227 -16.58 -25.39 -23.43
N LEU C 228 -16.61 -25.37 -24.75
CA LEU C 228 -17.68 -24.70 -25.48
C LEU C 228 -19.00 -25.37 -25.18
N ALA C 229 -18.96 -26.68 -24.95
CA ALA C 229 -20.17 -27.45 -24.70
C ALA C 229 -20.80 -27.14 -23.34
N THR C 230 -19.98 -26.71 -22.40
CA THR C 230 -20.44 -26.53 -21.02
C THR C 230 -21.70 -25.67 -20.93
N LEU C 231 -21.79 -24.66 -21.81
CA LEU C 231 -22.87 -23.67 -21.71
C LEU C 231 -24.22 -24.18 -22.19
N TYR C 232 -24.28 -24.63 -23.44
CA TYR C 232 -25.56 -25.07 -24.00
C TYR C 232 -25.48 -26.51 -24.51
N GLY C 233 -24.30 -27.11 -24.38
CA GLY C 233 -24.14 -28.49 -24.78
C GLY C 233 -24.04 -28.67 -26.28
N THR C 234 -24.40 -27.62 -27.03
CA THR C 234 -24.39 -27.68 -28.49
C THR C 234 -23.21 -28.53 -28.94
N LYS C 235 -23.48 -29.52 -29.79
CA LYS C 235 -22.47 -30.49 -30.15
C LYS C 235 -21.71 -30.15 -31.43
N TYR C 236 -20.39 -30.02 -31.29
CA TYR C 236 -19.50 -29.81 -32.41
C TYR C 236 -18.69 -31.09 -32.67
N THR C 237 -18.14 -31.20 -33.88
CA THR C 237 -17.27 -32.32 -34.21
C THR C 237 -15.87 -31.82 -34.58
N TYR C 238 -14.85 -32.57 -34.21
CA TYR C 238 -13.47 -32.18 -34.49
C TYR C 238 -12.68 -33.28 -35.19
N GLY C 239 -11.61 -32.88 -35.88
CA GLY C 239 -10.81 -33.82 -36.63
C GLY C 239 -10.20 -33.18 -37.87
N PRO C 240 -9.46 -33.95 -38.68
CA PRO C 240 -8.84 -33.42 -39.90
C PRO C 240 -9.87 -32.83 -40.85
N GLY C 241 -9.53 -31.69 -41.44
CA GLY C 241 -10.46 -31.00 -42.32
C GLY C 241 -10.70 -31.76 -43.61
N ALA C 242 -9.92 -32.80 -43.84
CA ALA C 242 -10.06 -33.62 -45.04
C ALA C 242 -10.96 -34.83 -44.78
N THR C 243 -11.06 -35.22 -43.52
CA THR C 243 -11.86 -36.39 -43.14
C THR C 243 -13.14 -35.99 -42.43
N THR C 244 -13.14 -34.82 -41.78
CA THR C 244 -14.29 -34.38 -41.00
C THR C 244 -15.36 -33.76 -41.89
N ILE C 245 -14.94 -33.19 -43.02
CA ILE C 245 -15.87 -32.62 -43.99
C ILE C 245 -15.50 -33.03 -45.41
N TYR C 246 -14.33 -32.60 -45.88
CA TYR C 246 -13.74 -33.09 -47.13
C TYR C 246 -12.45 -32.36 -47.44
N PRO C 247 -11.57 -32.96 -48.25
CA PRO C 247 -10.30 -32.32 -48.58
C PRO C 247 -10.45 -31.09 -49.50
N ALA C 248 -9.65 -30.07 -49.25
CA ALA C 248 -9.69 -28.83 -50.02
C ALA C 248 -8.45 -27.99 -49.75
N ALA C 249 -7.81 -27.54 -50.82
CA ALA C 249 -6.51 -26.86 -50.74
C ALA C 249 -6.65 -25.35 -50.66
N GLY C 250 -5.56 -24.68 -50.30
CA GLY C 250 -5.54 -23.24 -50.34
C GLY C 250 -6.19 -22.53 -49.17
N GLY C 251 -6.62 -23.30 -48.17
CA GLY C 251 -7.25 -22.70 -46.99
C GLY C 251 -6.27 -21.93 -46.12
N SER C 252 -6.78 -21.00 -45.32
CA SER C 252 -5.92 -20.12 -44.53
C SER C 252 -5.40 -20.81 -43.26
N ASP C 253 -6.16 -21.77 -42.73
CA ASP C 253 -5.76 -22.46 -41.51
C ASP C 253 -4.59 -23.41 -41.75
N ASP C 254 -4.62 -24.14 -42.87
CA ASP C 254 -3.51 -25.01 -43.23
C ASP C 254 -2.28 -24.15 -43.54
N TRP C 255 -2.49 -23.03 -44.21
CA TRP C 255 -1.37 -22.14 -44.54
C TRP C 255 -0.78 -21.56 -43.27
N ALA C 256 -1.65 -21.18 -42.33
CA ALA C 256 -1.19 -20.61 -41.08
C ALA C 256 -0.33 -21.64 -40.35
N TYR C 257 -0.82 -22.87 -40.25
CA TYR C 257 -0.12 -23.90 -39.52
C TYR C 257 1.24 -24.22 -40.13
N ASP C 258 1.33 -24.12 -41.46
CA ASP C 258 2.58 -24.42 -42.15
C ASP C 258 3.55 -23.24 -42.11
N GLN C 259 3.11 -22.11 -41.57
CA GLN C 259 4.02 -20.99 -41.36
C GLN C 259 4.60 -21.11 -39.95
N GLY C 260 4.04 -22.03 -39.17
CA GLY C 260 4.56 -22.28 -37.84
C GLY C 260 3.61 -21.95 -36.70
N ILE C 261 2.38 -21.54 -37.03
CA ILE C 261 1.39 -21.27 -36.00
C ILE C 261 0.78 -22.59 -35.54
N LYS C 262 1.33 -23.13 -34.45
CA LYS C 262 1.04 -24.50 -34.02
C LYS C 262 -0.44 -24.69 -33.74
N TYR C 263 -1.12 -23.59 -33.46
CA TYR C 263 -2.52 -23.64 -33.08
C TYR C 263 -3.40 -22.91 -34.09
N SER C 264 -3.68 -23.58 -35.21
CA SER C 264 -4.53 -23.03 -36.26
C SER C 264 -5.84 -23.80 -36.29
N PHE C 265 -6.95 -23.09 -36.30
CA PHE C 265 -8.25 -23.76 -36.32
C PHE C 265 -9.30 -23.02 -37.14
N THR C 266 -10.24 -23.77 -37.68
CA THR C 266 -11.39 -23.19 -38.36
C THR C 266 -12.68 -23.58 -37.66
N PHE C 267 -13.52 -22.60 -37.40
CA PHE C 267 -14.80 -22.85 -36.76
C PHE C 267 -15.91 -22.80 -37.80
N GLU C 268 -16.77 -23.81 -37.78
CA GLU C 268 -18.02 -23.75 -38.53
C GLU C 268 -19.18 -23.67 -37.56
N LEU C 269 -19.64 -22.46 -37.29
CA LEU C 269 -20.63 -22.24 -36.25
C LEU C 269 -21.98 -22.78 -36.67
N ARG C 270 -22.99 -22.55 -35.83
CA ARG C 270 -24.33 -23.08 -36.08
C ARG C 270 -24.88 -22.65 -37.44
N ASP C 271 -25.76 -23.45 -38.01
CA ASP C 271 -26.22 -24.69 -37.38
C ASP C 271 -25.64 -25.91 -38.09
N LYS C 272 -26.52 -26.71 -38.69
CA LYS C 272 -26.09 -27.88 -39.43
C LYS C 272 -27.01 -28.18 -40.61
N GLY C 273 -27.69 -27.15 -41.10
CA GLY C 273 -28.41 -27.28 -42.35
C GLY C 273 -29.87 -26.89 -42.33
N ARG C 274 -30.43 -26.75 -41.12
CA ARG C 274 -31.84 -26.38 -41.02
C ARG C 274 -32.05 -25.02 -41.65
N TYR C 275 -31.26 -24.04 -41.21
CA TYR C 275 -31.33 -22.69 -41.75
C TYR C 275 -30.14 -22.40 -42.65
N GLY C 276 -29.00 -23.02 -42.32
CA GLY C 276 -27.83 -22.90 -43.16
C GLY C 276 -26.97 -21.67 -42.83
N PHE C 277 -26.51 -20.99 -43.87
CA PHE C 277 -25.76 -19.76 -43.67
C PHE C 277 -26.68 -18.69 -43.11
N ILE C 278 -27.98 -18.95 -43.19
CA ILE C 278 -28.98 -17.97 -42.77
C ILE C 278 -29.36 -18.20 -41.31
N LEU C 279 -28.35 -18.19 -40.43
CA LEU C 279 -28.57 -18.44 -39.01
C LEU C 279 -29.41 -17.31 -38.41
N PRO C 280 -30.49 -17.66 -37.70
CA PRO C 280 -31.40 -16.66 -37.13
C PRO C 280 -30.66 -15.69 -36.21
N GLU C 281 -31.03 -14.42 -36.27
CA GLU C 281 -30.42 -13.42 -35.39
C GLU C 281 -30.59 -13.87 -33.94
N SER C 282 -31.68 -14.58 -33.67
CA SER C 282 -31.99 -15.05 -32.32
C SER C 282 -30.88 -15.90 -31.72
N GLN C 283 -30.06 -16.50 -32.58
CA GLN C 283 -29.05 -17.45 -32.14
C GLN C 283 -27.68 -16.80 -31.93
N ILE C 284 -27.55 -15.54 -32.31
CA ILE C 284 -26.26 -14.86 -32.27
C ILE C 284 -25.64 -14.90 -30.89
N GLN C 285 -26.38 -14.45 -29.89
CA GLN C 285 -25.86 -14.36 -28.53
C GLN C 285 -25.31 -15.70 -28.05
N ALA C 286 -26.17 -16.73 -28.09
CA ALA C 286 -25.78 -18.05 -27.62
C ALA C 286 -24.52 -18.56 -28.34
N THR C 287 -24.51 -18.45 -29.65
CA THR C 287 -23.39 -18.91 -30.45
C THR C 287 -22.09 -18.28 -29.96
N CYS C 288 -22.12 -16.95 -29.84
CA CYS C 288 -20.91 -16.21 -29.51
C CYS C 288 -20.40 -16.50 -28.11
N GLU C 289 -21.31 -16.76 -27.18
CA GLU C 289 -20.92 -16.99 -25.79
C GLU C 289 -20.10 -18.27 -25.66
N GLU C 290 -20.56 -19.36 -26.28
CA GLU C 290 -19.85 -20.63 -26.19
C GLU C 290 -18.53 -20.60 -26.95
N THR C 291 -18.51 -19.90 -28.08
CA THR C 291 -17.29 -19.76 -28.84
C THR C 291 -16.23 -19.06 -27.99
N MET C 292 -16.64 -18.02 -27.28
CA MET C 292 -15.73 -17.28 -26.41
C MET C 292 -14.98 -18.23 -25.48
N LEU C 293 -15.71 -19.17 -24.89
CA LEU C 293 -15.11 -20.14 -23.97
C LEU C 293 -14.00 -20.92 -24.66
N ALA C 294 -14.20 -21.22 -25.94
CA ALA C 294 -13.19 -21.93 -26.72
C ALA C 294 -11.99 -21.04 -27.00
N ILE C 295 -12.27 -19.77 -27.28
CA ILE C 295 -11.23 -18.83 -27.72
C ILE C 295 -10.29 -18.43 -26.58
N LYS C 296 -10.84 -18.30 -25.38
CA LYS C 296 -10.02 -17.94 -24.22
C LYS C 296 -9.20 -19.14 -23.74
N TYR C 297 -9.76 -20.32 -23.86
CA TYR C 297 -9.05 -21.56 -23.56
C TYR C 297 -7.77 -21.63 -24.40
N VAL C 298 -7.91 -21.41 -25.70
CA VAL C 298 -6.76 -21.45 -26.60
C VAL C 298 -5.84 -20.28 -26.29
N THR C 299 -6.43 -19.14 -25.91
CA THR C 299 -5.63 -17.97 -25.61
C THR C 299 -4.76 -18.25 -24.40
N ASN C 300 -5.37 -18.82 -23.37
CA ASN C 300 -4.65 -19.18 -22.15
C ASN C 300 -3.66 -20.28 -22.44
N TYR C 301 -4.11 -21.28 -23.20
CA TYR C 301 -3.25 -22.38 -23.63
C TYR C 301 -1.98 -21.80 -24.23
N VAL C 302 -2.14 -20.83 -25.12
CA VAL C 302 -1.00 -20.17 -25.76
C VAL C 302 -0.10 -19.50 -24.72
N LEU C 303 -0.64 -19.24 -23.54
CA LEU C 303 0.14 -18.69 -22.44
C LEU C 303 0.91 -19.81 -21.74
N GLY C 304 0.22 -20.91 -21.45
CA GLY C 304 0.87 -22.04 -20.82
C GLY C 304 1.62 -22.89 -21.83
N HIS C 305 1.33 -22.67 -23.11
CA HIS C 305 2.03 -23.33 -24.19
C HIS C 305 2.65 -22.28 -25.10
N LEU C 306 3.48 -21.42 -24.52
CA LEU C 306 4.07 -20.30 -25.25
C LEU C 306 4.73 -20.73 -26.54
#